data_5X6F
#
_entry.id   5X6F
#
_cell.length_a   112.691
_cell.length_b   65.035
_cell.length_c   124.984
_cell.angle_alpha   90.00
_cell.angle_beta   101.25
_cell.angle_gamma   90.00
#
_symmetry.space_group_name_H-M   'C 1 2 1'
#
loop_
_entity.id
_entity.type
_entity.pdbx_description
1 polymer 'Phosphopantetheine adenylyltransferase'
2 non-polymer 'ISOPROPYL ALCOHOL'
3 non-polymer GLYCEROL
4 water water
#
_entity_poly.entity_id   1
_entity_poly.type   'polypeptide(L)'
_entity_poly.pdbx_seq_one_letter_code
;MNRVLYPGTFDPITKGHGDLIERASRLFDHVIIAVAASPKKNPLFSLEQRVALAQEVTKHLPNVEVVGFSTLLAHFVKEQ
KANVFLRGLRAVSDFEYEFQLANMNRQLAPDVESMFLTPSEKYSFISSTLVREIAALGGDISKFVHPAVADALAERFKR
;
_entity_poly.pdbx_strand_id   A,B,C,D,E,F
#
# COMPACT_ATOMS: atom_id res chain seq x y z
N MET A 1 -34.24 -11.62 -16.72
CA MET A 1 -33.90 -10.30 -17.23
C MET A 1 -32.43 -10.23 -17.58
N ASN A 2 -32.03 -9.18 -18.29
CA ASN A 2 -30.62 -8.93 -18.58
C ASN A 2 -30.25 -7.62 -17.89
N ARG A 3 -29.45 -7.72 -16.84
CA ARG A 3 -28.92 -6.56 -16.12
C ARG A 3 -27.40 -6.68 -16.15
N VAL A 4 -26.75 -5.87 -16.97
CA VAL A 4 -25.32 -6.00 -17.18
C VAL A 4 -24.57 -5.21 -16.13
N LEU A 5 -23.46 -5.78 -15.66
CA LEU A 5 -22.59 -5.16 -14.66
C LEU A 5 -21.25 -4.89 -15.30
N TYR A 6 -20.82 -3.62 -15.31
CA TYR A 6 -19.57 -3.20 -15.93
C TYR A 6 -18.56 -2.86 -14.84
N PRO A 7 -17.70 -3.80 -14.46
CA PRO A 7 -16.71 -3.53 -13.42
C PRO A 7 -15.38 -3.03 -13.98
N GLY A 8 -14.71 -2.22 -13.18
CA GLY A 8 -13.43 -1.67 -13.55
C GLY A 8 -12.96 -0.66 -12.53
N THR A 9 -11.70 -0.25 -12.70
CA THR A 9 -11.12 0.75 -11.81
C THR A 9 -11.63 2.15 -12.12
N PHE A 10 -11.68 2.49 -13.40
CA PHE A 10 -12.14 3.80 -13.87
C PHE A 10 -11.37 4.93 -13.18
N ASP A 11 -10.05 4.84 -13.27
CA ASP A 11 -9.17 5.83 -12.65
C ASP A 11 -8.21 6.44 -13.66
N PRO A 12 -8.69 7.40 -14.46
CA PRO A 12 -10.08 7.87 -14.51
C PRO A 12 -10.85 7.14 -15.60
N ILE A 13 -12.13 7.48 -15.77
CA ILE A 13 -12.92 6.92 -16.86
C ILE A 13 -12.53 7.63 -18.15
N THR A 14 -12.38 6.87 -19.22
CA THR A 14 -11.89 7.38 -20.49
C THR A 14 -12.98 7.31 -21.55
N LYS A 15 -12.65 7.80 -22.75
CA LYS A 15 -13.57 7.72 -23.88
C LYS A 15 -13.70 6.30 -24.42
N GLY A 16 -12.69 5.45 -24.19
CA GLY A 16 -12.83 4.04 -24.54
C GLY A 16 -13.88 3.35 -23.69
N HIS A 17 -13.91 3.66 -22.39
CA HIS A 17 -14.98 3.16 -21.53
C HIS A 17 -16.33 3.76 -21.92
N GLY A 18 -16.36 5.06 -22.22
CA GLY A 18 -17.62 5.71 -22.54
C GLY A 18 -18.30 5.13 -23.76
N ASP A 19 -17.53 4.89 -24.83
CA ASP A 19 -18.09 4.26 -26.02
C ASP A 19 -18.58 2.85 -25.72
N LEU A 20 -17.93 2.16 -24.78
CA LEU A 20 -18.37 0.83 -24.40
C LEU A 20 -19.70 0.88 -23.64
N ILE A 21 -19.88 1.91 -22.81
CA ILE A 21 -21.11 2.04 -22.03
C ILE A 21 -22.27 2.45 -22.94
N GLU A 22 -22.01 3.28 -23.95
CA GLU A 22 -23.06 3.67 -24.89
C GLU A 22 -23.53 2.48 -25.71
N ARG A 23 -22.61 1.61 -26.12
CA ARG A 23 -23.02 0.41 -26.85
C ARG A 23 -23.71 -0.59 -25.94
N ALA A 24 -23.32 -0.66 -24.68
CA ALA A 24 -23.99 -1.55 -23.74
C ALA A 24 -25.39 -1.04 -23.40
N SER A 25 -25.57 0.28 -23.40
CA SER A 25 -26.89 0.85 -23.12
C SER A 25 -27.88 0.56 -24.24
N ARG A 26 -27.39 0.44 -25.47
CA ARG A 26 -28.29 0.14 -26.59
C ARG A 26 -28.80 -1.29 -26.54
N LEU A 27 -28.04 -2.20 -25.90
CA LEU A 27 -28.38 -3.62 -25.91
C LEU A 27 -29.23 -4.03 -24.72
N PHE A 28 -28.84 -3.63 -23.51
CA PHE A 28 -29.48 -4.10 -22.29
C PHE A 28 -30.43 -3.04 -21.73
N ASP A 29 -31.40 -3.52 -20.95
CA ASP A 29 -32.39 -2.63 -20.35
C ASP A 29 -31.81 -1.82 -19.20
N HIS A 30 -30.74 -2.29 -18.57
CA HIS A 30 -30.13 -1.58 -17.45
C HIS A 30 -28.64 -1.91 -17.40
N VAL A 31 -27.82 -0.87 -17.31
CA VAL A 31 -26.37 -1.00 -17.26
C VAL A 31 -25.90 -0.48 -15.91
N ILE A 32 -25.13 -1.31 -15.19
CA ILE A 32 -24.59 -0.94 -13.90
C ILE A 32 -23.07 -0.82 -14.03
N ILE A 33 -22.55 0.40 -13.84
CA ILE A 33 -21.12 0.65 -13.87
C ILE A 33 -20.60 0.43 -12.45
N ALA A 34 -19.96 -0.72 -12.25
CA ALA A 34 -19.47 -1.12 -10.92
C ALA A 34 -18.04 -0.63 -10.77
N VAL A 35 -17.87 0.51 -10.10
CA VAL A 35 -16.54 1.06 -9.85
C VAL A 35 -15.95 0.37 -8.62
N ALA A 36 -14.84 -0.34 -8.82
CA ALA A 36 -14.19 -1.07 -7.75
C ALA A 36 -13.26 -0.16 -6.95
N ALA A 37 -13.24 -0.37 -5.63
CA ALA A 37 -12.38 0.42 -4.77
C ALA A 37 -10.91 0.19 -5.10
N SER A 38 -10.47 -1.06 -5.02
CA SER A 38 -9.10 -1.46 -5.36
C SER A 38 -8.06 -0.60 -4.63
N PRO A 39 -8.01 -0.66 -3.30
CA PRO A 39 -7.05 0.18 -2.57
C PRO A 39 -5.61 -0.27 -2.75
N LYS A 40 -5.37 -1.50 -3.22
CA LYS A 40 -4.02 -2.01 -3.39
C LYS A 40 -3.33 -1.41 -4.60
N LYS A 41 -4.11 -0.91 -5.58
CA LYS A 41 -3.55 -0.27 -6.77
C LYS A 41 -3.20 1.19 -6.55
N ASN A 42 -3.57 1.76 -5.38
CA ASN A 42 -3.36 3.16 -5.08
C ASN A 42 -3.97 4.01 -6.19
N PRO A 43 -5.30 4.08 -6.28
CA PRO A 43 -5.93 4.85 -7.36
C PRO A 43 -5.69 6.34 -7.20
N LEU A 44 -5.65 7.03 -8.34
CA LEU A 44 -5.46 8.48 -8.33
C LEU A 44 -6.65 9.18 -7.71
N PHE A 45 -7.85 8.85 -8.17
CA PHE A 45 -9.09 9.36 -7.61
C PHE A 45 -9.65 8.35 -6.61
N SER A 46 -10.38 8.86 -5.61
CA SER A 46 -10.99 7.99 -4.62
C SER A 46 -12.15 7.22 -5.24
N LEU A 47 -12.64 6.22 -4.50
CA LEU A 47 -13.78 5.45 -5.00
C LEU A 47 -15.01 6.33 -5.12
N GLU A 48 -15.20 7.26 -4.18
CA GLU A 48 -16.33 8.17 -4.25
C GLU A 48 -16.21 9.09 -5.45
N GLN A 49 -15.01 9.61 -5.71
CA GLN A 49 -14.84 10.54 -6.83
C GLN A 49 -14.87 9.83 -8.17
N ARG A 50 -14.40 8.58 -8.23
CA ARG A 50 -14.48 7.82 -9.49
C ARG A 50 -15.93 7.51 -9.86
N VAL A 51 -16.79 7.31 -8.86
CA VAL A 51 -18.21 7.11 -9.14
C VAL A 51 -18.84 8.39 -9.67
N ALA A 52 -18.48 9.54 -9.07
CA ALA A 52 -19.03 10.82 -9.52
C ALA A 52 -18.58 11.17 -10.94
N LEU A 53 -17.35 10.78 -11.32
CA LEU A 53 -16.89 11.03 -12.68
C LEU A 53 -17.66 10.18 -13.69
N ALA A 54 -17.88 8.90 -13.37
CA ALA A 54 -18.62 8.03 -14.27
C ALA A 54 -20.08 8.45 -14.40
N GLN A 55 -20.63 9.09 -13.36
CA GLN A 55 -22.01 9.57 -13.44
C GLN A 55 -22.13 10.74 -14.40
N GLU A 56 -21.16 11.65 -14.38
CA GLU A 56 -21.22 12.82 -15.26
C GLU A 56 -21.04 12.42 -16.72
N VAL A 57 -20.20 11.42 -16.99
CA VAL A 57 -19.97 10.99 -18.36
C VAL A 57 -21.20 10.27 -18.91
N THR A 58 -21.92 9.55 -18.05
CA THR A 58 -23.08 8.76 -18.45
C THR A 58 -24.40 9.35 -17.95
N LYS A 59 -24.42 10.65 -17.64
CA LYS A 59 -25.65 11.27 -17.15
C LYS A 59 -26.70 11.41 -18.25
N HIS A 60 -26.31 11.29 -19.52
CA HIS A 60 -27.23 11.40 -20.64
C HIS A 60 -27.92 10.09 -20.96
N LEU A 61 -27.55 8.99 -20.31
CA LEU A 61 -28.17 7.70 -20.54
C LEU A 61 -29.09 7.38 -19.39
N PRO A 62 -30.38 7.14 -19.63
CA PRO A 62 -31.30 6.93 -18.50
C PRO A 62 -31.15 5.57 -17.84
N ASN A 63 -30.84 4.53 -18.61
CA ASN A 63 -30.76 3.17 -18.10
C ASN A 63 -29.36 2.81 -17.61
N VAL A 64 -28.59 3.77 -17.11
CA VAL A 64 -27.23 3.53 -16.64
C VAL A 64 -27.11 4.01 -15.21
N GLU A 65 -26.63 3.13 -14.33
CA GLU A 65 -26.42 3.44 -12.93
C GLU A 65 -24.97 3.13 -12.56
N VAL A 66 -24.37 4.00 -11.76
CA VAL A 66 -22.99 3.84 -11.31
C VAL A 66 -23.00 3.60 -9.80
N VAL A 67 -22.34 2.53 -9.37
CA VAL A 67 -22.24 2.19 -7.96
C VAL A 67 -20.79 1.82 -7.64
N GLY A 68 -20.37 2.13 -6.42
CA GLY A 68 -19.05 1.80 -5.94
C GLY A 68 -19.12 0.63 -4.97
N PHE A 69 -18.15 -0.27 -5.07
CA PHE A 69 -18.11 -1.45 -4.22
C PHE A 69 -16.67 -1.78 -3.88
N SER A 70 -16.47 -2.31 -2.67
CA SER A 70 -15.15 -2.70 -2.19
C SER A 70 -15.09 -4.17 -1.76
N THR A 71 -16.07 -4.96 -2.18
CA THR A 71 -16.12 -6.38 -1.86
C THR A 71 -15.73 -7.19 -3.10
N LEU A 72 -15.86 -8.51 -3.00
CA LEU A 72 -15.55 -9.37 -4.13
C LEU A 72 -16.53 -9.14 -5.27
N LEU A 73 -16.03 -9.18 -6.50
CA LEU A 73 -16.89 -8.97 -7.65
C LEU A 73 -17.97 -10.05 -7.74
N ALA A 74 -17.62 -11.29 -7.36
CA ALA A 74 -18.60 -12.37 -7.40
C ALA A 74 -19.69 -12.18 -6.33
N HIS A 75 -19.34 -11.59 -5.19
CA HIS A 75 -20.35 -11.34 -4.16
C HIS A 75 -21.20 -10.12 -4.51
N PHE A 76 -20.58 -9.09 -5.08
CA PHE A 76 -21.32 -7.88 -5.40
C PHE A 76 -22.28 -8.10 -6.57
N VAL A 77 -21.90 -8.94 -7.53
CA VAL A 77 -22.80 -9.22 -8.65
C VAL A 77 -24.00 -10.02 -8.18
N LYS A 78 -23.84 -10.83 -7.13
CA LYS A 78 -24.96 -11.54 -6.56
C LYS A 78 -25.87 -10.60 -5.78
N GLU A 79 -25.28 -9.59 -5.12
CA GLU A 79 -26.06 -8.60 -4.40
C GLU A 79 -26.81 -7.67 -5.37
N GLN A 80 -26.25 -7.42 -6.55
CA GLN A 80 -26.91 -6.61 -7.56
C GLN A 80 -27.86 -7.40 -8.45
N LYS A 81 -27.91 -8.72 -8.30
CA LYS A 81 -28.80 -9.57 -9.11
C LYS A 81 -28.54 -9.37 -10.60
N ALA A 82 -27.27 -9.23 -10.96
CA ALA A 82 -26.86 -9.09 -12.35
C ALA A 82 -26.42 -10.44 -12.89
N ASN A 83 -26.71 -10.69 -14.16
CA ASN A 83 -26.43 -11.98 -14.79
C ASN A 83 -25.42 -11.90 -15.93
N VAL A 84 -24.82 -10.73 -16.15
CA VAL A 84 -23.90 -10.54 -17.27
C VAL A 84 -22.71 -9.71 -16.79
N PHE A 85 -21.51 -10.27 -16.90
CA PHE A 85 -20.29 -9.49 -16.74
C PHE A 85 -19.93 -8.83 -18.07
N LEU A 86 -19.34 -7.63 -17.99
CA LEU A 86 -18.95 -6.89 -19.18
C LEU A 86 -17.52 -6.40 -19.04
N ARG A 87 -16.68 -6.74 -20.02
CA ARG A 87 -15.31 -6.27 -20.08
C ARG A 87 -15.00 -5.87 -21.52
N GLY A 88 -14.08 -4.93 -21.67
CA GLY A 88 -13.75 -4.39 -22.98
C GLY A 88 -12.54 -5.06 -23.60
N LEU A 89 -12.59 -5.20 -24.93
CA LEU A 89 -11.53 -5.82 -25.71
C LEU A 89 -11.24 -4.91 -26.90
N ARG A 90 -10.05 -4.30 -26.91
CA ARG A 90 -9.64 -3.40 -27.98
C ARG A 90 -8.37 -3.89 -28.68
N ALA A 91 -8.13 -5.21 -28.64
CA ALA A 91 -6.99 -5.84 -29.29
C ALA A 91 -5.68 -5.38 -28.67
N VAL A 92 -5.77 -4.56 -27.63
CA VAL A 92 -4.60 -4.07 -26.89
C VAL A 92 -4.93 -4.21 -25.40
N SER A 93 -5.89 -5.05 -25.07
CA SER A 93 -6.28 -5.22 -23.67
C SER A 93 -5.32 -6.15 -22.93
N ASP A 94 -5.85 -6.87 -21.96
CA ASP A 94 -5.10 -7.88 -21.20
C ASP A 94 -5.79 -9.22 -21.40
N PHE A 95 -5.68 -9.77 -22.61
CA PHE A 95 -6.29 -11.06 -22.92
C PHE A 95 -5.92 -12.13 -21.91
N GLU A 96 -4.72 -12.05 -21.35
CA GLU A 96 -4.31 -13.00 -20.31
C GLU A 96 -5.17 -12.82 -19.06
N TYR A 97 -5.15 -11.61 -18.49
CA TYR A 97 -5.93 -11.35 -17.28
C TYR A 97 -7.42 -11.45 -17.54
N GLU A 98 -7.87 -11.04 -18.73
CA GLU A 98 -9.30 -11.05 -19.03
C GLU A 98 -9.84 -12.48 -19.12
N PHE A 99 -9.04 -13.41 -19.65
CA PHE A 99 -9.48 -14.81 -19.73
C PHE A 99 -9.39 -15.49 -18.37
N GLN A 100 -8.32 -15.22 -17.61
CA GLN A 100 -8.20 -15.78 -16.28
C GLN A 100 -9.30 -15.26 -15.36
N LEU A 101 -9.64 -13.97 -15.49
CA LEU A 101 -10.69 -13.39 -14.65
C LEU A 101 -12.05 -13.96 -15.00
N ALA A 102 -12.36 -14.09 -16.29
CA ALA A 102 -13.66 -14.60 -16.71
C ALA A 102 -13.82 -16.06 -16.33
N ASN A 103 -12.75 -16.86 -16.45
CA ASN A 103 -12.86 -18.28 -16.15
C ASN A 103 -12.95 -18.53 -14.65
N MET A 104 -12.13 -17.81 -13.86
CA MET A 104 -12.18 -17.99 -12.42
C MET A 104 -13.45 -17.39 -11.82
N ASN A 105 -14.00 -16.34 -12.44
CA ASN A 105 -15.30 -15.85 -11.99
C ASN A 105 -16.42 -16.82 -12.33
N ARG A 106 -16.22 -17.64 -13.37
CA ARG A 106 -17.20 -18.67 -13.68
C ARG A 106 -17.21 -19.78 -12.64
N GLN A 107 -16.15 -19.89 -11.84
CA GLN A 107 -16.15 -20.83 -10.72
C GLN A 107 -16.84 -20.23 -9.50
N LEU A 108 -16.73 -18.91 -9.30
CA LEU A 108 -17.38 -18.27 -8.16
C LEU A 108 -18.85 -17.96 -8.45
N ALA A 109 -19.16 -17.51 -9.66
CA ALA A 109 -20.53 -17.17 -10.07
C ALA A 109 -20.80 -17.80 -11.43
N PRO A 110 -21.14 -19.08 -11.47
CA PRO A 110 -21.42 -19.72 -12.77
C PRO A 110 -22.67 -19.20 -13.45
N ASP A 111 -23.61 -18.63 -12.70
CA ASP A 111 -24.84 -18.10 -13.28
C ASP A 111 -24.62 -16.78 -14.00
N VAL A 112 -23.49 -16.11 -13.76
CA VAL A 112 -23.20 -14.82 -14.38
C VAL A 112 -22.30 -15.07 -15.58
N GLU A 113 -22.76 -14.64 -16.76
CA GLU A 113 -22.03 -14.86 -17.99
C GLU A 113 -21.10 -13.68 -18.28
N SER A 114 -19.89 -13.99 -18.72
CA SER A 114 -18.87 -12.98 -19.03
C SER A 114 -18.82 -12.78 -20.53
N MET A 115 -19.34 -11.65 -21.00
CA MET A 115 -19.28 -11.26 -22.40
C MET A 115 -18.36 -10.07 -22.57
N PHE A 116 -17.84 -9.91 -23.79
CA PHE A 116 -16.88 -8.87 -24.11
C PHE A 116 -17.36 -8.07 -25.31
N LEU A 117 -17.12 -6.76 -25.26
CA LEU A 117 -17.44 -5.86 -26.36
C LEU A 117 -16.15 -5.18 -26.84
N THR A 118 -16.24 -4.60 -28.03
CA THR A 118 -15.12 -3.89 -28.61
C THR A 118 -15.52 -2.45 -28.91
N PRO A 119 -14.76 -1.47 -28.45
CA PRO A 119 -15.07 -0.06 -28.75
C PRO A 119 -14.70 0.29 -30.18
N SER A 120 -15.02 1.52 -30.57
CA SER A 120 -14.68 1.97 -31.91
C SER A 120 -13.17 2.08 -32.07
N GLU A 121 -12.72 2.06 -33.32
CA GLU A 121 -11.28 2.13 -33.59
C GLU A 121 -10.68 3.47 -33.15
N LYS A 122 -11.49 4.52 -33.07
CA LYS A 122 -10.97 5.81 -32.63
C LYS A 122 -10.76 5.88 -31.12
N TYR A 123 -11.56 5.14 -30.35
CA TYR A 123 -11.47 5.19 -28.90
C TYR A 123 -10.73 3.99 -28.31
N SER A 124 -10.22 3.09 -29.15
CA SER A 124 -9.29 2.08 -28.69
C SER A 124 -7.93 2.72 -28.43
N PHE A 125 -7.00 1.92 -27.90
CA PHE A 125 -5.64 2.35 -27.58
C PHE A 125 -5.61 3.48 -26.57
N ILE A 126 -6.65 3.64 -25.75
CA ILE A 126 -6.73 4.70 -24.75
C ILE A 126 -6.79 4.03 -23.37
N SER A 127 -5.68 4.10 -22.64
CA SER A 127 -5.58 3.47 -21.32
C SER A 127 -5.63 4.54 -20.23
N SER A 128 -6.26 4.18 -19.10
CA SER A 128 -6.37 5.11 -17.99
C SER A 128 -5.02 5.42 -17.36
N THR A 129 -4.08 4.48 -17.42
CA THR A 129 -2.77 4.70 -16.81
C THR A 129 -1.98 5.76 -17.59
N LEU A 130 -1.99 5.68 -18.93
CA LEU A 130 -1.26 6.66 -19.72
C LEU A 130 -1.92 8.03 -19.66
N VAL A 131 -3.23 8.09 -19.41
CA VAL A 131 -3.91 9.36 -19.28
C VAL A 131 -3.42 10.10 -18.03
N ARG A 132 -3.17 9.37 -16.95
CA ARG A 132 -2.70 9.99 -15.71
C ARG A 132 -1.26 10.48 -15.85
N GLU A 133 -0.42 9.70 -16.56
CA GLU A 133 0.97 10.09 -16.72
C GLU A 133 1.10 11.35 -17.57
N ILE A 134 0.30 11.45 -18.64
CA ILE A 134 0.33 12.65 -19.47
C ILE A 134 -0.26 13.84 -18.71
N ALA A 135 -1.31 13.59 -17.92
CA ALA A 135 -1.88 14.67 -17.12
C ALA A 135 -0.94 15.13 -16.02
N ALA A 136 -0.16 14.20 -15.45
CA ALA A 136 0.81 14.58 -14.42
C ALA A 136 1.94 15.43 -14.97
N LEU A 137 2.20 15.36 -16.27
CA LEU A 137 3.24 16.15 -16.92
C LEU A 137 2.68 17.36 -17.66
N GLY A 138 1.44 17.74 -17.35
CA GLY A 138 0.84 18.91 -17.96
C GLY A 138 0.39 18.73 -19.39
N GLY A 139 0.20 17.48 -19.84
CA GLY A 139 -0.19 17.24 -21.21
C GLY A 139 -1.67 17.44 -21.46
N ASP A 140 -2.01 17.59 -22.73
CA ASP A 140 -3.39 17.80 -23.15
C ASP A 140 -4.10 16.45 -23.26
N ILE A 141 -5.06 16.20 -22.38
CA ILE A 141 -5.79 14.94 -22.37
C ILE A 141 -7.26 15.15 -22.74
N SER A 142 -7.58 16.26 -23.43
CA SER A 142 -8.94 16.53 -23.83
C SER A 142 -9.45 15.54 -24.88
N LYS A 143 -8.55 14.91 -25.62
CA LYS A 143 -8.93 13.97 -26.67
C LYS A 143 -9.18 12.57 -26.15
N PHE A 144 -8.68 12.24 -24.96
CA PHE A 144 -8.74 10.88 -24.43
C PHE A 144 -9.88 10.66 -23.44
N VAL A 145 -10.32 11.71 -22.75
CA VAL A 145 -11.32 11.58 -21.70
C VAL A 145 -12.42 12.61 -21.91
N HIS A 146 -13.49 12.47 -21.15
CA HIS A 146 -14.60 13.39 -21.20
C HIS A 146 -14.18 14.77 -20.68
N PRO A 147 -14.80 15.84 -21.20
CA PRO A 147 -14.47 17.20 -20.69
C PRO A 147 -14.54 17.32 -19.17
N ALA A 148 -15.48 16.62 -18.53
CA ALA A 148 -15.56 16.67 -17.07
C ALA A 148 -14.35 16.00 -16.44
N VAL A 149 -13.87 14.91 -17.05
CA VAL A 149 -12.67 14.24 -16.56
C VAL A 149 -11.45 15.13 -16.81
N ALA A 150 -11.44 15.87 -17.91
CA ALA A 150 -10.33 16.79 -18.18
C ALA A 150 -10.25 17.89 -17.15
N ASP A 151 -11.40 18.36 -16.64
CA ASP A 151 -11.38 19.38 -15.60
C ASP A 151 -10.81 18.82 -14.31
N ALA A 152 -11.22 17.61 -13.92
CA ALA A 152 -10.71 17.01 -12.70
C ALA A 152 -9.21 16.74 -12.80
N LEU A 153 -8.75 16.22 -13.94
CA LEU A 153 -7.33 15.96 -14.12
C LEU A 153 -6.53 17.25 -14.16
N ALA A 154 -7.07 18.28 -14.80
CA ALA A 154 -6.40 19.57 -14.80
C ALA A 154 -6.34 20.16 -13.41
N GLU A 155 -7.44 20.06 -12.66
CA GLU A 155 -7.43 20.52 -11.28
C GLU A 155 -6.55 19.64 -10.40
N ARG A 156 -6.39 18.37 -10.78
CA ARG A 156 -5.61 17.43 -9.97
C ARG A 156 -4.12 17.72 -10.09
N PHE A 157 -3.66 18.12 -11.28
CA PHE A 157 -2.24 18.39 -11.52
C PHE A 157 -1.97 19.85 -11.90
N LYS A 158 -2.78 20.79 -11.40
CA LYS A 158 -2.49 22.21 -11.59
C LYS A 158 -2.99 23.04 -10.40
N MET B 1 21.20 34.99 7.73
CA MET B 1 19.81 35.17 8.14
C MET B 1 19.08 33.83 8.22
N ASN B 2 18.23 33.67 9.24
CA ASN B 2 17.58 32.39 9.49
C ASN B 2 16.57 32.07 8.40
N ARG B 3 16.51 30.79 8.04
CA ARG B 3 15.56 30.29 7.05
C ARG B 3 14.89 29.06 7.66
N VAL B 4 13.59 29.14 7.88
CA VAL B 4 12.85 28.09 8.59
C VAL B 4 12.02 27.31 7.59
N LEU B 5 11.94 26.00 7.79
CA LEU B 5 11.19 25.11 6.94
C LEU B 5 10.09 24.44 7.75
N TYR B 6 8.84 24.56 7.29
CA TYR B 6 7.67 24.07 8.02
C TYR B 6 7.11 22.83 7.33
N PRO B 7 7.52 21.63 7.73
CA PRO B 7 7.07 20.43 7.03
C PRO B 7 5.77 19.89 7.61
N GLY B 8 4.98 19.31 6.72
CA GLY B 8 3.72 18.71 7.09
C GLY B 8 3.08 18.10 5.87
N THR B 9 2.03 17.33 6.12
CA THR B 9 1.29 16.75 5.01
C THR B 9 0.30 17.77 4.44
N PHE B 10 -0.18 18.67 5.29
CA PHE B 10 -1.09 19.75 4.90
C PHE B 10 -2.20 19.24 3.97
N ASP B 11 -2.98 18.29 4.48
CA ASP B 11 -4.04 17.67 3.68
C ASP B 11 -5.39 17.79 4.37
N PRO B 12 -6.02 18.98 4.30
CA PRO B 12 -5.50 20.22 3.72
C PRO B 12 -4.91 21.14 4.77
N ILE B 13 -4.33 22.26 4.34
CA ILE B 13 -3.83 23.24 5.29
C ILE B 13 -5.02 23.85 6.03
N THR B 14 -4.84 24.08 7.33
CA THR B 14 -5.93 24.54 8.19
C THR B 14 -5.58 25.89 8.80
N LYS B 15 -6.55 26.45 9.53
CA LYS B 15 -6.31 27.68 10.26
C LYS B 15 -5.27 27.50 11.38
N GLY B 16 -5.16 26.28 11.92
CA GLY B 16 -4.08 26.03 12.87
C GLY B 16 -2.72 26.20 12.22
N HIS B 17 -2.55 25.61 11.03
CA HIS B 17 -1.34 25.83 10.26
C HIS B 17 -1.17 27.30 9.90
N GLY B 18 -2.29 27.98 9.57
CA GLY B 18 -2.20 29.38 9.23
C GLY B 18 -1.61 30.22 10.34
N ASP B 19 -2.15 30.08 11.56
CA ASP B 19 -1.63 30.86 12.69
C ASP B 19 -0.15 30.59 12.90
N LEU B 20 0.27 29.33 12.75
CA LEU B 20 1.68 29.01 12.90
C LEU B 20 2.51 29.69 11.82
N ILE B 21 2.00 29.72 10.59
CA ILE B 21 2.74 30.34 9.50
C ILE B 21 2.79 31.85 9.70
N GLU B 22 1.72 32.45 10.20
CA GLU B 22 1.74 33.89 10.49
C GLU B 22 2.78 34.23 11.53
N ARG B 23 2.92 33.38 12.56
CA ARG B 23 3.88 33.64 13.62
C ARG B 23 5.30 33.40 13.16
N ALA B 24 5.53 32.32 12.41
CA ALA B 24 6.85 32.07 11.85
C ALA B 24 7.28 33.19 10.92
N SER B 25 6.33 33.79 10.21
CA SER B 25 6.62 34.87 9.27
C SER B 25 7.10 36.12 10.01
N ARG B 26 6.55 36.38 11.20
CA ARG B 26 7.01 37.50 12.01
C ARG B 26 8.35 37.23 12.67
N LEU B 27 8.70 35.96 12.88
CA LEU B 27 9.91 35.62 13.61
C LEU B 27 11.14 35.47 12.72
N PHE B 28 10.98 34.89 11.54
CA PHE B 28 12.11 34.57 10.67
C PHE B 28 12.04 35.40 9.39
N ASP B 29 13.18 35.50 8.70
CA ASP B 29 13.23 36.27 7.47
C ASP B 29 12.64 35.49 6.30
N HIS B 30 12.77 34.16 6.31
CA HIS B 30 12.20 33.33 5.26
C HIS B 30 11.58 32.11 5.89
N VAL B 31 10.33 31.82 5.52
CA VAL B 31 9.58 30.68 6.01
C VAL B 31 9.24 29.79 4.82
N ILE B 32 9.73 28.56 4.85
CA ILE B 32 9.46 27.58 3.79
C ILE B 32 8.36 26.64 4.26
N ILE B 33 7.28 26.57 3.50
CA ILE B 33 6.24 25.57 3.70
C ILE B 33 6.59 24.41 2.78
N ALA B 34 7.03 23.31 3.37
CA ALA B 34 7.43 22.12 2.64
C ALA B 34 6.30 21.10 2.76
N VAL B 35 5.54 20.94 1.69
CA VAL B 35 4.42 20.00 1.66
C VAL B 35 4.96 18.65 1.23
N ALA B 36 4.96 17.69 2.15
CA ALA B 36 5.42 16.35 1.83
C ALA B 36 4.35 15.61 1.05
N ALA B 37 4.78 14.84 0.04
CA ALA B 37 3.85 14.06 -0.75
C ALA B 37 3.13 13.02 0.10
N SER B 38 3.90 12.27 0.89
CA SER B 38 3.36 11.22 1.76
C SER B 38 2.38 10.29 1.03
N PRO B 39 2.83 9.60 -0.02
CA PRO B 39 1.91 8.70 -0.74
C PRO B 39 1.43 7.54 0.11
N LYS B 40 2.18 7.16 1.14
CA LYS B 40 1.78 6.03 1.97
C LYS B 40 0.58 6.37 2.85
N LYS B 41 0.39 7.65 3.17
CA LYS B 41 -0.80 8.08 3.90
C LYS B 41 -2.01 8.23 2.98
N ASN B 42 -1.83 8.08 1.68
CA ASN B 42 -2.87 8.26 0.67
C ASN B 42 -3.61 9.57 0.93
N PRO B 43 -2.99 10.72 0.65
CA PRO B 43 -3.64 12.00 0.94
C PRO B 43 -4.89 12.20 0.08
N LEU B 44 -5.81 13.00 0.59
CA LEU B 44 -7.03 13.28 -0.16
C LEU B 44 -6.74 14.16 -1.37
N PHE B 45 -6.01 15.25 -1.15
CA PHE B 45 -5.62 16.14 -2.22
C PHE B 45 -4.23 15.77 -2.73
N SER B 46 -3.99 16.00 -4.01
CA SER B 46 -2.69 15.75 -4.59
C SER B 46 -1.64 16.65 -3.96
N LEU B 47 -0.37 16.28 -4.16
CA LEU B 47 0.73 17.11 -3.67
C LEU B 47 0.66 18.49 -4.29
N GLU B 48 0.32 18.57 -5.58
CA GLU B 48 0.25 19.86 -6.24
C GLU B 48 -0.92 20.68 -5.72
N GLN B 49 -2.08 20.04 -5.51
CA GLN B 49 -3.23 20.77 -4.98
C GLN B 49 -2.95 21.30 -3.59
N ARG B 50 -2.31 20.49 -2.74
CA ARG B 50 -2.01 20.94 -1.39
C ARG B 50 -1.00 22.09 -1.42
N VAL B 51 -0.05 22.06 -2.35
CA VAL B 51 0.86 23.20 -2.51
C VAL B 51 0.11 24.42 -3.01
N ALA B 52 -0.81 24.22 -3.96
CA ALA B 52 -1.60 25.35 -4.47
C ALA B 52 -2.48 25.95 -3.37
N LEU B 53 -3.12 25.10 -2.56
CA LEU B 53 -3.92 25.62 -1.45
C LEU B 53 -3.04 26.32 -0.42
N ALA B 54 -1.87 25.77 -0.13
CA ALA B 54 -0.97 26.41 0.83
C ALA B 54 -0.42 27.74 0.31
N GLN B 55 -0.31 27.89 -1.01
CA GLN B 55 0.08 29.20 -1.55
C GLN B 55 -1.07 30.19 -1.44
N GLU B 56 -2.30 29.72 -1.62
CA GLU B 56 -3.45 30.62 -1.58
C GLU B 56 -3.68 31.16 -0.17
N VAL B 57 -3.49 30.31 0.84
CA VAL B 57 -3.69 30.71 2.23
C VAL B 57 -2.58 31.63 2.71
N THR B 58 -1.46 31.71 1.99
CA THR B 58 -0.31 32.47 2.44
C THR B 58 0.16 33.51 1.42
N LYS B 59 -0.69 33.92 0.47
CA LYS B 59 -0.27 34.90 -0.53
C LYS B 59 -0.16 36.30 0.04
N HIS B 60 -0.75 36.56 1.20
CA HIS B 60 -0.64 37.85 1.87
C HIS B 60 0.65 38.01 2.65
N LEU B 61 1.53 37.00 2.65
CA LEU B 61 2.78 37.04 3.39
C LEU B 61 3.94 37.08 2.40
N PRO B 62 4.83 38.08 2.47
CA PRO B 62 5.91 38.16 1.47
C PRO B 62 7.00 37.13 1.69
N ASN B 63 7.29 36.78 2.94
CA ASN B 63 8.42 35.91 3.27
C ASN B 63 8.00 34.46 3.45
N VAL B 64 7.00 34.01 2.70
CA VAL B 64 6.52 32.64 2.77
C VAL B 64 6.63 32.02 1.38
N GLU B 65 7.32 30.90 1.29
CA GLU B 65 7.44 30.12 0.07
C GLU B 65 6.82 28.74 0.32
N VAL B 66 6.18 28.18 -0.69
CA VAL B 66 5.56 26.85 -0.61
C VAL B 66 6.19 25.97 -1.68
N VAL B 67 6.72 24.82 -1.26
CA VAL B 67 7.40 23.91 -2.18
C VAL B 67 7.03 22.48 -1.78
N GLY B 68 6.70 21.67 -2.79
CA GLY B 68 6.43 20.25 -2.55
C GLY B 68 7.69 19.42 -2.67
N PHE B 69 7.73 18.33 -1.92
CA PHE B 69 8.90 17.45 -1.94
C PHE B 69 8.49 16.02 -1.63
N SER B 70 9.10 15.08 -2.34
CA SER B 70 8.82 13.66 -2.13
C SER B 70 10.07 12.89 -1.72
N THR B 71 11.05 13.57 -1.15
CA THR B 71 12.28 12.96 -0.69
C THR B 71 12.34 12.97 0.83
N LEU B 72 13.42 12.41 1.38
CA LEU B 72 13.67 12.46 2.81
C LEU B 72 13.75 13.91 3.27
N LEU B 73 13.13 14.18 4.42
CA LEU B 73 13.12 15.53 4.96
C LEU B 73 14.52 16.02 5.30
N ALA B 74 15.38 15.13 5.81
CA ALA B 74 16.74 15.52 6.17
C ALA B 74 17.57 15.87 4.95
N HIS B 75 17.27 15.27 3.80
CA HIS B 75 17.95 15.64 2.55
C HIS B 75 17.36 16.91 1.98
N PHE B 76 16.03 17.09 2.08
CA PHE B 76 15.39 18.23 1.47
C PHE B 76 15.75 19.52 2.20
N VAL B 77 15.83 19.46 3.54
CA VAL B 77 16.15 20.66 4.30
C VAL B 77 17.52 21.19 3.95
N LYS B 78 18.47 20.30 3.68
CA LYS B 78 19.76 20.76 3.25
C LYS B 78 19.72 21.33 1.84
N GLU B 79 18.96 20.68 0.94
CA GLU B 79 18.82 21.24 -0.40
C GLU B 79 18.12 22.60 -0.35
N GLN B 80 17.22 22.80 0.61
CA GLN B 80 16.60 24.09 0.82
C GLN B 80 17.49 25.01 1.64
N LYS B 81 18.62 24.52 2.14
CA LYS B 81 19.58 25.36 2.86
C LYS B 81 18.93 26.06 4.05
N ALA B 82 18.06 25.34 4.75
CA ALA B 82 17.42 25.83 5.96
C ALA B 82 18.12 25.24 7.18
N ASN B 83 18.14 26.01 8.27
CA ASN B 83 18.81 25.59 9.48
C ASN B 83 17.88 25.32 10.65
N VAL B 84 16.56 25.47 10.49
CA VAL B 84 15.62 25.27 11.59
C VAL B 84 14.38 24.55 11.06
N PHE B 85 14.01 23.44 11.71
CA PHE B 85 12.71 22.83 11.48
C PHE B 85 11.65 23.53 12.32
N LEU B 86 10.47 23.71 11.74
CA LEU B 86 9.30 24.20 12.46
C LEU B 86 8.27 23.08 12.60
N ARG B 87 7.83 22.82 13.82
CA ARG B 87 6.79 21.82 14.04
C ARG B 87 5.71 22.42 14.93
N GLY B 88 4.47 22.02 14.68
CA GLY B 88 3.38 22.49 15.51
C GLY B 88 3.29 21.73 16.82
N LEU B 89 2.63 22.37 17.78
CA LEU B 89 2.48 21.78 19.10
C LEU B 89 1.22 22.35 19.74
N ARG B 90 0.26 21.49 20.08
CA ARG B 90 -1.00 21.94 20.64
C ARG B 90 -1.32 21.36 22.00
N ALA B 91 -0.43 20.54 22.57
CA ALA B 91 -0.71 19.76 23.78
C ALA B 91 -1.76 18.69 23.49
N VAL B 92 -2.53 18.93 22.42
CA VAL B 92 -3.45 17.97 21.81
C VAL B 92 -2.75 17.10 20.76
N SER B 93 -1.50 17.37 20.44
CA SER B 93 -0.92 16.88 19.19
C SER B 93 -0.48 15.43 19.30
N ASP B 94 0.75 15.16 18.88
CA ASP B 94 1.27 13.79 18.80
C ASP B 94 2.65 13.78 19.49
N PHE B 95 2.62 13.93 20.82
CA PHE B 95 3.85 14.05 21.60
C PHE B 95 4.78 12.86 21.38
N GLU B 96 4.21 11.66 21.30
CA GLU B 96 5.05 10.47 21.11
C GLU B 96 5.85 10.58 19.82
N TYR B 97 5.18 10.93 18.73
CA TYR B 97 5.84 11.00 17.43
C TYR B 97 6.72 12.24 17.30
N GLU B 98 6.35 13.33 17.96
CA GLU B 98 7.05 14.61 17.75
C GLU B 98 8.48 14.56 18.28
N PHE B 99 8.70 13.86 19.40
CA PHE B 99 10.02 13.92 20.02
C PHE B 99 10.98 12.92 19.39
N GLN B 100 10.49 11.75 18.98
CA GLN B 100 11.34 10.85 18.23
C GLN B 100 11.59 11.38 16.81
N LEU B 101 10.67 12.15 16.26
CA LEU B 101 10.91 12.77 14.97
C LEU B 101 12.00 13.84 15.06
N ALA B 102 12.08 14.56 16.18
CA ALA B 102 13.12 15.55 16.36
C ALA B 102 14.46 14.92 16.70
N ASN B 103 14.45 13.90 17.56
CA ASN B 103 15.70 13.26 17.95
C ASN B 103 16.30 12.48 16.78
N MET B 104 15.47 11.75 16.03
CA MET B 104 16.00 10.97 14.92
C MET B 104 16.46 11.89 13.78
N ASN B 105 15.73 12.98 13.55
CA ASN B 105 16.21 13.96 12.58
C ASN B 105 17.47 14.67 13.08
N ARG B 106 17.60 14.83 14.40
CA ARG B 106 18.82 15.40 14.95
C ARG B 106 20.04 14.57 14.61
N GLN B 107 19.87 13.26 14.42
CA GLN B 107 20.96 12.39 14.01
C GLN B 107 21.26 12.51 12.53
N LEU B 108 20.23 12.76 11.70
CA LEU B 108 20.44 12.83 10.26
C LEU B 108 20.91 14.22 9.84
N ALA B 109 20.35 15.27 10.43
CA ALA B 109 20.72 16.64 10.12
C ALA B 109 21.03 17.34 11.44
N PRO B 110 22.22 17.09 12.00
CA PRO B 110 22.55 17.69 13.31
C PRO B 110 22.59 19.21 13.29
N ASP B 111 22.91 19.81 12.16
CA ASP B 111 22.99 21.26 12.08
C ASP B 111 21.63 21.93 11.96
N VAL B 112 20.53 21.18 11.93
CA VAL B 112 19.17 21.72 11.86
C VAL B 112 18.52 21.55 13.22
N GLU B 113 18.05 22.64 13.79
CA GLU B 113 17.42 22.63 15.09
C GLU B 113 15.91 22.56 14.93
N SER B 114 15.29 21.65 15.66
CA SER B 114 13.83 21.53 15.70
C SER B 114 13.27 22.45 16.76
N MET B 115 12.43 23.40 16.35
CA MET B 115 11.81 24.33 17.27
C MET B 115 10.29 24.22 17.17
N PHE B 116 9.62 24.45 18.30
CA PHE B 116 8.18 24.27 18.39
C PHE B 116 7.48 25.59 18.69
N LEU B 117 6.43 25.88 17.92
CA LEU B 117 5.52 26.98 18.21
C LEU B 117 4.14 26.43 18.53
N THR B 118 3.35 27.23 19.23
CA THR B 118 2.00 26.83 19.61
C THR B 118 0.99 27.77 18.98
N PRO B 119 0.05 27.28 18.19
CA PRO B 119 -0.94 28.18 17.58
C PRO B 119 -1.85 28.80 18.63
N SER B 120 -2.58 29.83 18.20
CA SER B 120 -3.51 30.52 19.07
C SER B 120 -4.54 29.55 19.66
N GLU B 121 -5.02 29.88 20.87
CA GLU B 121 -5.96 29.00 21.56
C GLU B 121 -7.25 28.84 20.77
N LYS B 122 -7.61 29.81 19.92
CA LYS B 122 -8.81 29.67 19.12
C LYS B 122 -8.63 28.67 17.98
N TYR B 123 -7.41 28.45 17.53
CA TYR B 123 -7.16 27.60 16.36
C TYR B 123 -6.51 26.26 16.69
N SER B 124 -6.03 26.04 17.91
CA SER B 124 -5.65 24.68 18.25
C SER B 124 -6.90 23.80 18.33
N PHE B 125 -6.72 22.52 18.61
CA PHE B 125 -7.81 21.54 18.57
C PHE B 125 -8.39 21.38 17.16
N ILE B 126 -7.69 21.84 16.14
CA ILE B 126 -8.13 21.70 14.75
C ILE B 126 -7.15 20.77 14.05
N SER B 127 -7.64 19.59 13.65
CA SER B 127 -6.84 18.60 12.92
C SER B 127 -7.42 18.43 11.54
N SER B 128 -6.53 18.42 10.53
CA SER B 128 -6.97 18.26 9.15
C SER B 128 -7.65 16.93 8.89
N THR B 129 -7.38 15.92 9.71
CA THR B 129 -8.06 14.64 9.56
C THR B 129 -9.55 14.76 9.84
N LEU B 130 -9.90 15.38 10.97
CA LEU B 130 -11.31 15.59 11.26
C LEU B 130 -11.96 16.53 10.25
N VAL B 131 -11.21 17.50 9.73
CA VAL B 131 -11.74 18.39 8.71
C VAL B 131 -12.06 17.61 7.44
N ARG B 132 -11.22 16.65 7.09
CA ARG B 132 -11.52 15.81 5.92
C ARG B 132 -12.78 14.98 6.16
N GLU B 133 -12.92 14.40 7.36
CA GLU B 133 -14.06 13.53 7.63
C GLU B 133 -15.36 14.33 7.71
N ILE B 134 -15.32 15.49 8.39
CA ILE B 134 -16.52 16.31 8.49
C ILE B 134 -16.95 16.78 7.11
N ALA B 135 -15.99 17.17 6.27
CA ALA B 135 -16.34 17.57 4.91
C ALA B 135 -16.85 16.39 4.09
N ALA B 136 -16.32 15.19 4.33
CA ALA B 136 -16.76 14.03 3.58
C ALA B 136 -18.23 13.69 3.83
N LEU B 137 -18.78 14.11 4.95
CA LEU B 137 -20.19 13.86 5.28
C LEU B 137 -21.06 15.08 5.12
N GLY B 138 -20.57 16.11 4.44
CA GLY B 138 -21.36 17.30 4.19
C GLY B 138 -21.32 18.34 5.29
N GLY B 139 -20.34 18.30 6.18
CA GLY B 139 -20.27 19.27 7.25
C GLY B 139 -19.75 20.63 6.79
N ASP B 140 -19.95 21.63 7.65
CA ASP B 140 -19.52 23.00 7.39
C ASP B 140 -18.16 23.19 8.06
N ILE B 141 -17.09 23.12 7.26
CA ILE B 141 -15.73 23.27 7.78
C ILE B 141 -15.24 24.70 7.60
N SER B 142 -16.17 25.63 7.40
CA SER B 142 -15.80 27.02 7.16
C SER B 142 -15.08 27.62 8.36
N LYS B 143 -15.39 27.16 9.56
CA LYS B 143 -14.78 27.70 10.76
C LYS B 143 -13.45 27.02 11.11
N PHE B 144 -12.95 26.13 10.24
CA PHE B 144 -11.69 25.44 10.50
C PHE B 144 -10.59 25.73 9.49
N VAL B 145 -10.93 26.05 8.24
CA VAL B 145 -9.95 26.21 7.18
C VAL B 145 -10.23 27.53 6.47
N HIS B 146 -9.30 27.89 5.59
CA HIS B 146 -9.44 29.10 4.77
C HIS B 146 -10.47 28.86 3.66
N PRO B 147 -11.24 29.90 3.29
CA PRO B 147 -12.29 29.71 2.27
C PRO B 147 -11.81 29.05 0.99
N ALA B 148 -10.58 29.29 0.57
CA ALA B 148 -10.05 28.58 -0.60
C ALA B 148 -10.00 27.07 -0.35
N VAL B 149 -9.74 26.67 0.89
CA VAL B 149 -9.74 25.25 1.23
C VAL B 149 -11.16 24.73 1.38
N ALA B 150 -12.06 25.54 1.94
CA ALA B 150 -13.46 25.13 2.08
C ALA B 150 -14.08 24.85 0.72
N ASP B 151 -13.75 25.66 -0.29
CA ASP B 151 -14.23 25.40 -1.64
C ASP B 151 -13.67 24.09 -2.18
N ALA B 152 -12.37 23.86 -2.01
CA ALA B 152 -11.76 22.65 -2.54
C ALA B 152 -12.38 21.40 -1.91
N LEU B 153 -12.63 21.44 -0.60
CA LEU B 153 -13.30 20.33 0.06
C LEU B 153 -14.73 20.18 -0.45
N ALA B 154 -15.48 21.29 -0.52
CA ALA B 154 -16.85 21.24 -1.00
C ALA B 154 -16.90 20.76 -2.44
N GLU B 155 -15.94 21.18 -3.28
CA GLU B 155 -15.91 20.68 -4.64
C GLU B 155 -15.54 19.20 -4.69
N ARG B 156 -14.63 18.77 -3.81
CA ARG B 156 -14.25 17.36 -3.79
C ARG B 156 -15.42 16.47 -3.37
N PHE B 157 -16.24 16.94 -2.44
CA PHE B 157 -17.38 16.16 -1.94
C PHE B 157 -18.70 16.67 -2.53
N LYS B 158 -18.78 16.63 -3.85
CA LYS B 158 -19.96 17.09 -4.57
C LYS B 158 -19.98 16.56 -6.00
N MET C 1 -36.80 -7.14 -27.81
CA MET C 1 -35.92 -8.24 -27.44
C MET C 1 -34.66 -8.26 -28.33
N ASN C 2 -33.72 -9.14 -28.00
CA ASN C 2 -32.45 -9.26 -28.70
C ASN C 2 -32.40 -10.58 -29.47
N ARG C 3 -32.16 -10.47 -30.77
CA ARG C 3 -32.03 -11.62 -31.67
C ARG C 3 -30.58 -11.69 -32.11
N VAL C 4 -29.84 -12.63 -31.54
CA VAL C 4 -28.40 -12.76 -31.77
C VAL C 4 -28.17 -13.65 -32.99
N LEU C 5 -27.15 -13.30 -33.78
CA LEU C 5 -26.78 -14.06 -34.97
C LEU C 5 -25.39 -14.64 -34.76
N TYR C 6 -25.27 -15.96 -34.82
CA TYR C 6 -24.01 -16.67 -34.63
C TYR C 6 -23.53 -17.20 -35.97
N PRO C 7 -22.68 -16.46 -36.68
CA PRO C 7 -22.19 -16.93 -37.99
C PRO C 7 -20.90 -17.71 -37.87
N GLY C 8 -20.73 -18.63 -38.81
CA GLY C 8 -19.53 -19.45 -38.85
C GLY C 8 -19.65 -20.50 -39.93
N THR C 9 -18.53 -21.18 -40.17
CA THR C 9 -18.50 -22.24 -41.17
C THR C 9 -19.18 -23.51 -40.65
N PHE C 10 -18.89 -23.89 -39.40
CA PHE C 10 -19.45 -25.08 -38.78
C PHE C 10 -19.19 -26.32 -39.63
N ASP C 11 -17.92 -26.53 -39.97
CA ASP C 11 -17.53 -27.66 -40.82
C ASP C 11 -16.45 -28.51 -40.15
N PRO C 12 -16.85 -29.38 -39.21
CA PRO C 12 -18.22 -29.51 -38.70
C PRO C 12 -18.41 -28.68 -37.44
N ILE C 13 -19.62 -28.72 -36.87
CA ILE C 13 -19.88 -28.07 -35.60
C ILE C 13 -19.32 -28.94 -34.47
N THR C 14 -18.65 -28.30 -33.51
CA THR C 14 -17.95 -29.00 -32.45
C THR C 14 -18.61 -28.72 -31.10
N LYS C 15 -18.07 -29.36 -30.05
CA LYS C 15 -18.56 -29.10 -28.71
C LYS C 15 -18.15 -27.73 -28.20
N GLY C 16 -17.06 -27.16 -28.74
CA GLY C 16 -16.72 -25.79 -28.41
C GLY C 16 -17.73 -24.81 -28.97
N HIS C 17 -18.20 -25.05 -30.19
CA HIS C 17 -19.29 -24.24 -30.73
C HIS C 17 -20.58 -24.49 -29.97
N GLY C 18 -20.86 -25.76 -29.67
CA GLY C 18 -22.11 -26.10 -28.99
C GLY C 18 -22.21 -25.48 -27.61
N ASP C 19 -21.10 -25.49 -26.85
CA ASP C 19 -21.11 -24.86 -25.54
C ASP C 19 -21.36 -23.36 -25.65
N LEU C 20 -20.94 -22.73 -26.75
CA LEU C 20 -21.23 -21.32 -26.94
C LEU C 20 -22.72 -21.10 -27.20
N ILE C 21 -23.35 -22.03 -27.92
CA ILE C 21 -24.78 -21.92 -28.21
C ILE C 21 -25.60 -22.17 -26.96
N GLU C 22 -25.13 -23.07 -26.08
CA GLU C 22 -25.83 -23.33 -24.83
C GLU C 22 -25.84 -22.08 -23.95
N ARG C 23 -24.72 -21.35 -23.92
CA ARG C 23 -24.67 -20.10 -23.17
C ARG C 23 -25.47 -19.00 -23.86
N ALA C 24 -25.47 -19.00 -25.20
CA ALA C 24 -26.23 -17.99 -25.93
C ALA C 24 -27.73 -18.22 -25.84
N SER C 25 -28.17 -19.48 -25.75
CA SER C 25 -29.60 -19.75 -25.66
C SER C 25 -30.17 -19.31 -24.31
N ARG C 26 -29.38 -19.39 -23.24
CA ARG C 26 -29.84 -18.93 -21.94
C ARG C 26 -29.86 -17.40 -21.85
N LEU C 27 -29.04 -16.72 -22.65
CA LEU C 27 -28.86 -15.28 -22.54
C LEU C 27 -29.85 -14.51 -23.40
N PHE C 28 -29.98 -14.88 -24.67
CA PHE C 28 -30.82 -14.15 -25.61
C PHE C 28 -32.15 -14.87 -25.84
N ASP C 29 -33.15 -14.10 -26.24
CA ASP C 29 -34.48 -14.65 -26.49
C ASP C 29 -34.54 -15.45 -27.78
N HIS C 30 -33.61 -15.21 -28.71
CA HIS C 30 -33.61 -15.93 -29.98
C HIS C 30 -32.18 -16.02 -30.49
N VAL C 31 -31.75 -17.23 -30.83
CA VAL C 31 -30.41 -17.48 -31.32
C VAL C 31 -30.51 -18.05 -32.72
N ILE C 32 -29.82 -17.41 -33.66
CA ILE C 32 -29.79 -17.84 -35.06
C ILE C 32 -28.38 -18.34 -35.37
N ILE C 33 -28.26 -19.64 -35.67
CA ILE C 33 -26.99 -20.23 -36.08
C ILE C 33 -26.91 -20.08 -37.60
N ALA C 34 -26.12 -19.11 -38.05
CA ALA C 34 -26.00 -18.80 -39.47
C ALA C 34 -24.82 -19.58 -40.05
N VAL C 35 -25.12 -20.71 -40.69
CA VAL C 35 -24.09 -21.53 -41.31
C VAL C 35 -23.78 -20.95 -42.68
N ALA C 36 -22.55 -20.47 -42.86
CA ALA C 36 -22.14 -19.86 -44.10
C ALA C 36 -21.68 -20.93 -45.10
N ALA C 37 -22.01 -20.72 -46.37
CA ALA C 37 -21.60 -21.66 -47.40
C ALA C 37 -20.08 -21.71 -47.53
N SER C 38 -19.47 -20.56 -47.81
CA SER C 38 -18.02 -20.44 -47.93
C SER C 38 -17.44 -21.47 -48.90
N PRO C 39 -17.81 -21.41 -50.18
CA PRO C 39 -17.31 -22.44 -51.12
C PRO C 39 -15.84 -22.28 -51.46
N LYS C 40 -15.24 -21.13 -51.18
CA LYS C 40 -13.84 -20.90 -51.53
C LYS C 40 -12.88 -21.63 -50.60
N LYS C 41 -13.31 -21.94 -49.38
CA LYS C 41 -12.46 -22.66 -48.43
C LYS C 41 -12.50 -24.18 -48.63
N ASN C 42 -13.35 -24.67 -49.54
CA ASN C 42 -13.54 -26.09 -49.80
C ASN C 42 -13.93 -26.84 -48.53
N PRO C 43 -15.15 -26.66 -48.04
CA PRO C 43 -15.55 -27.36 -46.81
C PRO C 43 -15.66 -28.86 -47.04
N LEU C 44 -15.42 -29.62 -45.98
CA LEU C 44 -15.55 -31.07 -46.06
C LEU C 44 -17.00 -31.47 -46.26
N PHE C 45 -17.90 -30.93 -45.44
CA PHE C 45 -19.33 -31.15 -45.59
C PHE C 45 -19.95 -30.02 -46.39
N SER C 46 -21.00 -30.35 -47.13
CA SER C 46 -21.70 -29.33 -47.91
C SER C 46 -22.50 -28.40 -47.00
N LEU C 47 -22.97 -27.29 -47.57
CA LEU C 47 -23.78 -26.37 -46.81
C LEU C 47 -25.08 -27.03 -46.34
N GLU C 48 -25.65 -27.89 -47.18
CA GLU C 48 -26.88 -28.59 -46.81
C GLU C 48 -26.65 -29.55 -45.64
N GLN C 49 -25.54 -30.29 -45.67
CA GLN C 49 -25.26 -31.25 -44.61
C GLN C 49 -24.81 -30.56 -43.31
N ARG C 50 -24.10 -29.43 -43.41
CA ARG C 50 -23.69 -28.70 -42.22
C ARG C 50 -24.87 -28.11 -41.46
N VAL C 51 -25.93 -27.73 -42.17
CA VAL C 51 -27.14 -27.23 -41.51
C VAL C 51 -27.81 -28.34 -40.73
N ALA C 52 -27.89 -29.54 -41.32
CA ALA C 52 -28.52 -30.67 -40.64
C ALA C 52 -27.76 -31.08 -39.39
N LEU C 53 -26.42 -30.97 -39.40
CA LEU C 53 -25.64 -31.31 -38.21
C LEU C 53 -25.87 -30.30 -37.10
N ALA C 54 -25.88 -29.00 -37.42
CA ALA C 54 -26.11 -28.00 -36.40
C ALA C 54 -27.51 -28.07 -35.82
N GLN C 55 -28.49 -28.55 -36.61
CA GLN C 55 -29.84 -28.72 -36.10
C GLN C 55 -29.94 -29.89 -35.13
N GLU C 56 -29.22 -30.98 -35.42
CA GLU C 56 -29.25 -32.15 -34.54
C GLU C 56 -28.58 -31.85 -33.21
N VAL C 57 -27.50 -31.05 -33.23
CA VAL C 57 -26.81 -30.70 -31.99
C VAL C 57 -27.65 -29.76 -31.13
N THR C 58 -28.43 -28.88 -31.76
CA THR C 58 -29.20 -27.87 -31.06
C THR C 58 -30.71 -28.13 -31.12
N LYS C 59 -31.12 -29.38 -31.33
CA LYS C 59 -32.54 -29.69 -31.39
C LYS C 59 -33.22 -29.58 -30.03
N HIS C 60 -32.46 -29.56 -28.95
CA HIS C 60 -33.00 -29.46 -27.59
C HIS C 60 -33.22 -28.01 -27.15
N LEU C 61 -32.82 -27.03 -27.96
CA LEU C 61 -33.00 -25.63 -27.61
C LEU C 61 -34.15 -25.05 -28.41
N PRO C 62 -35.18 -24.51 -27.76
CA PRO C 62 -36.36 -24.04 -28.52
C PRO C 62 -36.12 -22.75 -29.26
N ASN C 63 -35.37 -21.81 -28.68
CA ASN C 63 -35.15 -20.51 -29.30
C ASN C 63 -33.90 -20.47 -30.18
N VAL C 64 -33.52 -21.61 -30.76
CA VAL C 64 -32.33 -21.68 -31.60
C VAL C 64 -32.73 -22.29 -32.94
N GLU C 65 -32.45 -21.57 -34.02
CA GLU C 65 -32.72 -22.05 -35.38
C GLU C 65 -31.44 -21.96 -36.19
N VAL C 66 -31.23 -22.94 -37.06
CA VAL C 66 -30.06 -23.01 -37.92
C VAL C 66 -30.49 -22.73 -39.35
N VAL C 67 -29.82 -21.79 -40.00
CA VAL C 67 -30.11 -21.41 -41.39
C VAL C 67 -28.81 -21.33 -42.17
N GLY C 68 -28.89 -21.66 -43.46
CA GLY C 68 -27.76 -21.57 -44.36
C GLY C 68 -27.91 -20.38 -45.29
N PHE C 69 -26.80 -19.68 -45.53
CA PHE C 69 -26.81 -18.50 -46.37
C PHE C 69 -25.54 -18.43 -47.18
N SER C 70 -25.65 -17.85 -48.37
CA SER C 70 -24.52 -17.68 -49.28
C SER C 70 -24.29 -16.23 -49.68
N THR C 71 -24.86 -15.28 -48.93
CA THR C 71 -24.70 -13.87 -49.23
C THR C 71 -23.71 -13.24 -48.24
N LEU C 72 -23.57 -11.91 -48.32
CA LEU C 72 -22.69 -11.19 -47.41
C LEU C 72 -23.23 -11.24 -45.99
N LEU C 73 -22.33 -11.39 -45.02
CA LEU C 73 -22.75 -11.46 -43.62
C LEU C 73 -23.38 -10.14 -43.18
N ALA C 74 -22.88 -9.01 -43.69
CA ALA C 74 -23.45 -7.72 -43.31
C ALA C 74 -24.85 -7.53 -43.90
N HIS C 75 -25.10 -8.06 -45.09
CA HIS C 75 -26.43 -7.98 -45.69
C HIS C 75 -27.37 -9.02 -45.10
N PHE C 76 -26.85 -10.21 -44.78
CA PHE C 76 -27.69 -11.29 -44.26
C PHE C 76 -28.21 -10.98 -42.87
N VAL C 77 -27.43 -10.27 -42.05
CA VAL C 77 -27.89 -9.94 -40.71
C VAL C 77 -29.04 -8.92 -40.78
N LYS C 78 -29.06 -8.08 -41.82
CA LYS C 78 -30.19 -7.18 -42.01
C LYS C 78 -31.42 -7.94 -42.51
N GLU C 79 -31.21 -8.94 -43.36
CA GLU C 79 -32.32 -9.75 -43.84
C GLU C 79 -32.91 -10.62 -42.74
N GLN C 80 -32.08 -11.04 -41.79
CA GLN C 80 -32.54 -11.80 -40.63
C GLN C 80 -33.03 -10.91 -39.50
N LYS C 81 -32.89 -9.59 -39.65
CA LYS C 81 -33.34 -8.62 -38.64
C LYS C 81 -32.69 -8.88 -37.29
N ALA C 82 -31.42 -9.26 -37.30
CA ALA C 82 -30.64 -9.46 -36.09
C ALA C 82 -29.79 -8.23 -35.80
N ASN C 83 -29.61 -7.92 -34.52
CA ASN C 83 -28.89 -6.73 -34.10
C ASN C 83 -27.63 -7.04 -33.30
N VAL C 84 -27.25 -8.31 -33.18
CA VAL C 84 -26.11 -8.71 -32.38
C VAL C 84 -25.34 -9.80 -33.13
N PHE C 85 -24.08 -9.55 -33.42
CA PHE C 85 -23.17 -10.59 -33.90
C PHE C 85 -22.59 -11.36 -32.72
N LEU C 86 -22.32 -12.65 -32.95
CA LEU C 86 -21.77 -13.50 -31.91
C LEU C 86 -20.57 -14.25 -32.46
N ARG C 87 -19.43 -14.15 -31.77
CA ARG C 87 -18.23 -14.89 -32.12
C ARG C 87 -17.61 -15.44 -30.84
N GLY C 88 -16.90 -16.56 -30.99
CA GLY C 88 -16.31 -17.24 -29.85
C GLY C 88 -14.86 -16.81 -29.66
N LEU C 89 -14.46 -16.70 -28.38
CA LEU C 89 -13.11 -16.28 -28.03
C LEU C 89 -12.57 -17.20 -26.94
N ARG C 90 -11.57 -18.00 -27.27
CA ARG C 90 -10.89 -18.88 -26.34
C ARG C 90 -9.40 -18.55 -26.34
N ALA C 91 -8.62 -19.31 -25.57
CA ALA C 91 -7.18 -19.09 -25.56
C ALA C 91 -6.51 -19.56 -26.85
N VAL C 92 -7.29 -20.07 -27.81
CA VAL C 92 -6.79 -20.47 -29.12
C VAL C 92 -7.78 -19.94 -30.15
N SER C 93 -7.57 -18.69 -30.57
CA SER C 93 -8.44 -18.14 -31.61
C SER C 93 -7.62 -17.40 -32.65
N ASP C 94 -8.23 -16.41 -33.29
CA ASP C 94 -7.54 -15.51 -34.21
C ASP C 94 -7.75 -14.08 -33.72
N PHE C 95 -7.11 -13.75 -32.60
CA PHE C 95 -7.28 -12.42 -32.00
C PHE C 95 -7.04 -11.30 -33.01
N GLU C 96 -6.12 -11.50 -33.95
CA GLU C 96 -5.94 -10.50 -35.01
C GLU C 96 -7.12 -10.48 -35.97
N TYR C 97 -7.41 -11.62 -36.59
CA TYR C 97 -8.46 -11.68 -37.60
C TYR C 97 -9.85 -11.37 -37.03
N GLU C 98 -10.10 -11.74 -35.77
CA GLU C 98 -11.41 -11.51 -35.18
C GLU C 98 -11.73 -10.02 -35.04
N PHE C 99 -10.72 -9.20 -34.77
CA PHE C 99 -10.97 -7.77 -34.62
C PHE C 99 -11.18 -7.09 -35.96
N GLN C 100 -10.44 -7.50 -37.00
CA GLN C 100 -10.67 -6.92 -38.32
C GLN C 100 -12.07 -7.25 -38.82
N LEU C 101 -12.54 -8.47 -38.56
CA LEU C 101 -13.89 -8.84 -38.99
C LEU C 101 -14.95 -8.06 -38.24
N ALA C 102 -14.79 -7.93 -36.92
CA ALA C 102 -15.77 -7.21 -36.13
C ALA C 102 -15.77 -5.72 -36.45
N ASN C 103 -14.59 -5.14 -36.70
CA ASN C 103 -14.50 -3.71 -36.95
C ASN C 103 -14.99 -3.36 -38.36
N MET C 104 -14.62 -4.16 -39.36
CA MET C 104 -15.07 -3.88 -40.72
C MET C 104 -16.55 -4.17 -40.88
N ASN C 105 -17.10 -5.12 -40.13
CA ASN C 105 -18.54 -5.35 -40.16
C ASN C 105 -19.30 -4.20 -39.50
N ARG C 106 -18.67 -3.50 -38.56
CA ARG C 106 -19.30 -2.34 -37.94
C ARG C 106 -19.38 -1.16 -38.89
N GLN C 107 -18.58 -1.15 -39.95
CA GLN C 107 -18.71 -0.13 -40.98
C GLN C 107 -19.80 -0.45 -41.97
N LEU C 108 -20.04 -1.73 -42.24
CA LEU C 108 -21.08 -2.14 -43.18
C LEU C 108 -22.45 -2.14 -42.53
N ALA C 109 -22.54 -2.59 -41.28
CA ALA C 109 -23.79 -2.66 -40.53
C ALA C 109 -23.55 -2.05 -39.15
N PRO C 110 -23.62 -0.73 -39.03
CA PRO C 110 -23.40 -0.09 -37.73
C PRO C 110 -24.46 -0.42 -36.69
N ASP C 111 -25.65 -0.82 -37.11
CA ASP C 111 -26.70 -1.16 -36.14
C ASP C 111 -26.46 -2.50 -35.47
N VAL C 112 -25.60 -3.34 -36.03
CA VAL C 112 -25.33 -4.67 -35.47
C VAL C 112 -24.05 -4.61 -34.65
N GLU C 113 -24.15 -4.94 -33.37
CA GLU C 113 -23.02 -4.92 -32.46
C GLU C 113 -22.37 -6.30 -32.41
N SER C 114 -21.04 -6.32 -32.39
CA SER C 114 -20.27 -7.56 -32.34
C SER C 114 -19.77 -7.79 -30.92
N MET C 115 -20.36 -8.78 -30.25
CA MET C 115 -19.97 -9.19 -28.92
C MET C 115 -19.35 -10.58 -28.97
N PHE C 116 -18.53 -10.89 -27.95
CA PHE C 116 -17.76 -12.12 -27.93
C PHE C 116 -18.01 -12.87 -26.63
N LEU C 117 -18.11 -14.19 -26.72
CA LEU C 117 -18.25 -15.06 -25.57
C LEU C 117 -17.10 -16.05 -25.51
N THR C 118 -16.93 -16.68 -24.35
CA THR C 118 -15.89 -17.66 -24.15
C THR C 118 -16.49 -19.01 -23.76
N PRO C 119 -16.11 -20.10 -24.43
CA PRO C 119 -16.66 -21.42 -24.06
C PRO C 119 -16.08 -21.97 -22.77
N SER C 120 -16.55 -23.14 -22.35
CA SER C 120 -16.06 -23.75 -21.13
C SER C 120 -14.58 -24.13 -21.25
N GLU C 121 -13.93 -24.28 -20.10
CA GLU C 121 -12.50 -24.58 -20.10
C GLU C 121 -12.20 -25.95 -20.70
N LYS C 122 -13.15 -26.89 -20.65
CA LYS C 122 -12.91 -28.21 -21.22
C LYS C 122 -13.06 -28.22 -22.74
N TYR C 123 -13.91 -27.36 -23.29
CA TYR C 123 -14.21 -27.35 -24.71
C TYR C 123 -13.45 -26.30 -25.48
N SER C 124 -12.57 -25.55 -24.81
CA SER C 124 -11.63 -24.71 -25.52
C SER C 124 -10.56 -25.58 -26.19
N PHE C 125 -9.72 -24.92 -27.00
CA PHE C 125 -8.63 -25.58 -27.70
C PHE C 125 -9.12 -26.67 -28.65
N ILE C 126 -10.37 -26.61 -29.09
CA ILE C 126 -10.96 -27.61 -29.99
C ILE C 126 -11.34 -26.91 -31.29
N SER C 127 -10.56 -27.15 -32.34
CA SER C 127 -10.78 -26.52 -33.64
C SER C 127 -11.37 -27.53 -34.61
N SER C 128 -12.24 -27.02 -35.49
CA SER C 128 -12.88 -27.88 -36.48
C SER C 128 -11.87 -28.42 -37.49
N THR C 129 -10.77 -27.69 -37.71
CA THR C 129 -9.77 -28.15 -38.68
C THR C 129 -9.04 -29.39 -38.16
N LEU C 130 -8.64 -29.39 -36.89
CA LEU C 130 -7.97 -30.55 -36.33
C LEU C 130 -8.93 -31.72 -36.15
N VAL C 131 -10.23 -31.44 -36.00
CA VAL C 131 -11.21 -32.51 -35.89
C VAL C 131 -11.31 -33.28 -37.21
N ARG C 132 -11.23 -32.57 -38.34
CA ARG C 132 -11.32 -33.25 -39.63
C ARG C 132 -10.05 -34.06 -39.91
N GLU C 133 -8.88 -33.53 -39.53
CA GLU C 133 -7.63 -34.26 -39.78
C GLU C 133 -7.58 -35.53 -38.94
N ILE C 134 -8.01 -35.46 -37.68
CA ILE C 134 -8.03 -36.66 -36.84
C ILE C 134 -9.08 -37.64 -37.34
N ALA C 135 -10.22 -37.14 -37.81
CA ALA C 135 -11.25 -38.02 -38.36
C ALA C 135 -10.79 -38.67 -39.66
N ALA C 136 -10.03 -37.94 -40.48
CA ALA C 136 -9.52 -38.49 -41.72
C ALA C 136 -8.49 -39.59 -41.49
N LEU C 137 -7.83 -39.59 -40.33
CA LEU C 137 -6.84 -40.60 -39.98
C LEU C 137 -7.39 -41.66 -39.05
N GLY C 138 -8.72 -41.77 -38.94
CA GLY C 138 -9.34 -42.80 -38.13
C GLY C 138 -9.28 -42.58 -36.65
N GLY C 139 -9.07 -41.34 -36.19
CA GLY C 139 -8.98 -41.09 -34.78
C GLY C 139 -10.34 -40.98 -34.10
N ASP C 140 -10.32 -41.12 -32.78
CA ASP C 140 -11.53 -41.02 -31.97
C ASP C 140 -11.82 -39.56 -31.66
N ILE C 141 -12.94 -39.05 -32.18
CA ILE C 141 -13.31 -37.66 -32.02
C ILE C 141 -14.53 -37.50 -31.12
N SER C 142 -14.79 -38.47 -30.24
CA SER C 142 -15.95 -38.39 -29.36
C SER C 142 -15.84 -37.24 -28.35
N LYS C 143 -14.63 -36.75 -28.10
CA LYS C 143 -14.43 -35.67 -27.14
C LYS C 143 -14.66 -34.29 -27.74
N PHE C 144 -14.56 -34.15 -29.05
CA PHE C 144 -14.60 -32.83 -29.67
C PHE C 144 -15.95 -32.47 -30.26
N VAL C 145 -16.74 -33.44 -30.71
CA VAL C 145 -17.98 -33.17 -31.42
C VAL C 145 -19.11 -34.01 -30.83
N HIS C 146 -20.33 -33.67 -31.25
CA HIS C 146 -21.49 -34.42 -30.85
C HIS C 146 -21.46 -35.81 -31.48
N PRO C 147 -22.03 -36.83 -30.81
CA PRO C 147 -22.07 -38.18 -31.40
C PRO C 147 -22.63 -38.22 -32.82
N ALA C 148 -23.61 -37.38 -33.13
CA ALA C 148 -24.13 -37.34 -34.50
C ALA C 148 -23.10 -36.79 -35.48
N VAL C 149 -22.30 -35.81 -35.04
CA VAL C 149 -21.24 -35.27 -35.88
C VAL C 149 -20.16 -36.33 -36.12
N ALA C 150 -19.89 -37.16 -35.11
CA ALA C 150 -18.93 -38.22 -35.28
C ALA C 150 -19.41 -39.26 -36.29
N ASP C 151 -20.72 -39.48 -36.37
CA ASP C 151 -21.25 -40.43 -37.35
C ASP C 151 -21.05 -39.91 -38.78
N ALA C 152 -21.33 -38.63 -39.01
CA ALA C 152 -21.16 -38.07 -40.35
C ALA C 152 -19.68 -38.08 -40.75
N LEU C 153 -18.79 -37.72 -39.83
CA LEU C 153 -17.37 -37.72 -40.14
C LEU C 153 -16.83 -39.13 -40.37
N ALA C 154 -17.30 -40.10 -39.59
CA ALA C 154 -16.88 -41.48 -39.80
C ALA C 154 -17.39 -42.02 -41.14
N GLU C 155 -18.66 -41.73 -41.48
CA GLU C 155 -19.21 -42.15 -42.75
C GLU C 155 -18.60 -41.39 -43.92
N ARG C 156 -18.06 -40.18 -43.69
CA ARG C 156 -17.53 -39.36 -44.77
C ARG C 156 -16.25 -39.95 -45.35
N PHE C 157 -15.48 -40.68 -44.54
CA PHE C 157 -14.20 -41.23 -44.93
C PHE C 157 -14.26 -42.74 -45.14
N LYS C 158 -15.37 -43.21 -45.73
CA LYS C 158 -15.53 -44.62 -46.09
C LYS C 158 -16.26 -44.76 -47.42
N MET D 1 16.83 42.61 14.72
CA MET D 1 17.45 41.35 15.10
C MET D 1 16.76 40.73 16.31
N ASN D 2 16.56 39.41 16.26
CA ASN D 2 15.77 38.74 17.30
C ASN D 2 16.52 38.73 18.62
N ARG D 3 15.76 38.86 19.71
CA ARG D 3 16.29 38.83 21.06
C ARG D 3 15.44 37.89 21.89
N VAL D 4 16.04 36.80 22.38
CA VAL D 4 15.31 35.75 23.07
C VAL D 4 15.59 35.82 24.56
N LEU D 5 14.54 35.60 25.37
CA LEU D 5 14.61 35.64 26.82
C LEU D 5 14.28 34.25 27.37
N TYR D 6 15.19 33.69 28.16
CA TYR D 6 15.11 32.33 28.69
C TYR D 6 14.80 32.41 30.18
N PRO D 7 13.54 32.35 30.58
CA PRO D 7 13.20 32.46 32.00
C PRO D 7 13.18 31.12 32.71
N GLY D 8 13.55 31.18 33.98
CA GLY D 8 13.54 30.00 34.80
C GLY D 8 13.99 30.36 36.20
N THR D 9 13.83 29.39 37.10
CA THR D 9 14.32 29.56 38.46
C THR D 9 15.79 29.22 38.56
N PHE D 10 16.27 28.31 37.72
CA PHE D 10 17.68 27.90 37.66
C PHE D 10 18.23 27.66 39.07
N ASP D 11 17.61 26.73 39.77
CA ASP D 11 17.95 26.47 41.17
C ASP D 11 18.35 25.02 41.42
N PRO D 12 19.56 24.64 40.99
CA PRO D 12 20.51 25.45 40.24
C PRO D 12 20.43 25.17 38.74
N ILE D 13 21.18 25.92 37.94
CA ILE D 13 21.25 25.64 36.51
C ILE D 13 21.93 24.29 36.30
N THR D 14 21.42 23.52 35.35
CA THR D 14 21.88 22.16 35.10
C THR D 14 22.44 22.05 33.68
N LYS D 15 22.97 20.87 33.36
CA LYS D 15 23.44 20.61 32.01
C LYS D 15 22.29 20.62 31.01
N GLY D 16 21.07 20.28 31.45
CA GLY D 16 19.93 20.41 30.57
C GLY D 16 19.71 21.84 30.13
N HIS D 17 19.74 22.78 31.09
CA HIS D 17 19.65 24.19 30.74
C HIS D 17 20.81 24.61 29.86
N GLY D 18 22.01 24.09 30.15
CA GLY D 18 23.16 24.43 29.33
C GLY D 18 22.97 24.06 27.88
N ASP D 19 22.54 22.82 27.62
CA ASP D 19 22.31 22.42 26.23
C ASP D 19 21.30 23.34 25.55
N LEU D 20 20.26 23.74 26.29
CA LEU D 20 19.25 24.64 25.75
C LEU D 20 19.84 26.02 25.46
N ILE D 21 20.75 26.48 26.32
CA ILE D 21 21.41 27.77 26.12
C ILE D 21 22.38 27.71 24.95
N GLU D 22 23.07 26.58 24.78
CA GLU D 22 23.97 26.45 23.64
C GLU D 22 23.19 26.51 22.33
N ARG D 23 22.02 25.89 22.28
CA ARG D 23 21.25 25.88 21.04
C ARG D 23 20.62 27.23 20.76
N ALA D 24 20.09 27.90 21.79
CA ALA D 24 19.55 29.24 21.60
C ALA D 24 20.62 30.21 21.11
N SER D 25 21.85 30.05 21.57
CA SER D 25 22.93 30.95 21.18
C SER D 25 23.28 30.79 19.71
N ARG D 26 23.22 29.56 19.20
CA ARG D 26 23.53 29.37 17.79
C ARG D 26 22.45 29.87 16.85
N LEU D 27 21.20 29.97 17.35
CA LEU D 27 20.09 30.38 16.50
C LEU D 27 19.87 31.87 16.50
N PHE D 28 19.99 32.53 17.65
CA PHE D 28 19.63 33.93 17.78
C PHE D 28 20.86 34.80 18.04
N ASP D 29 20.70 36.09 17.80
CA ASP D 29 21.80 37.01 17.98
C ASP D 29 22.05 37.34 19.45
N HIS D 30 20.99 37.36 20.26
CA HIS D 30 21.14 37.64 21.68
C HIS D 30 20.22 36.72 22.47
N VAL D 31 20.77 36.08 23.49
CA VAL D 31 20.05 35.19 24.37
C VAL D 31 20.14 35.75 25.78
N ILE D 32 19.00 36.12 26.35
CA ILE D 32 18.96 36.63 27.71
C ILE D 32 18.49 35.51 28.64
N ILE D 33 19.30 35.20 29.64
CA ILE D 33 18.92 34.28 30.70
C ILE D 33 18.35 35.12 31.84
N ALA D 34 17.04 35.02 32.03
CA ALA D 34 16.33 35.78 33.06
C ALA D 34 16.06 34.83 34.23
N VAL D 35 16.84 34.99 35.30
CA VAL D 35 16.72 34.17 36.50
C VAL D 35 15.70 34.82 37.42
N ALA D 36 14.54 34.18 37.57
CA ALA D 36 13.49 34.69 38.43
C ALA D 36 13.82 34.44 39.90
N ALA D 37 13.52 35.42 40.75
CA ALA D 37 13.76 35.27 42.17
C ALA D 37 12.91 34.14 42.75
N SER D 38 11.62 34.15 42.43
CA SER D 38 10.69 33.14 42.88
C SER D 38 10.79 32.88 44.39
N PRO D 39 10.61 33.91 45.22
CA PRO D 39 10.72 33.70 46.67
C PRO D 39 9.68 32.75 47.22
N LYS D 40 8.56 32.58 46.53
CA LYS D 40 7.51 31.69 47.00
C LYS D 40 7.90 30.23 46.87
N LYS D 41 8.79 29.91 45.93
CA LYS D 41 9.33 28.56 45.81
C LYS D 41 10.43 28.26 46.81
N ASN D 42 10.87 29.27 47.58
CA ASN D 42 11.98 29.15 48.52
C ASN D 42 13.16 28.46 47.83
N PRO D 43 13.85 29.16 46.92
CA PRO D 43 14.96 28.52 46.21
C PRO D 43 16.09 28.18 47.17
N LEU D 44 16.89 27.19 46.79
CA LEU D 44 18.02 26.78 47.62
C LEU D 44 19.11 27.85 47.61
N PHE D 45 19.49 28.32 46.42
CA PHE D 45 20.46 29.38 46.27
C PHE D 45 19.76 30.72 46.12
N SER D 46 20.41 31.77 46.63
CA SER D 46 19.88 33.12 46.50
C SER D 46 19.86 33.54 45.03
N LEU D 47 19.11 34.62 44.75
CA LEU D 47 19.04 35.12 43.39
C LEU D 47 20.42 35.51 42.88
N GLU D 48 21.24 36.11 43.73
CA GLU D 48 22.57 36.53 43.31
C GLU D 48 23.44 35.33 42.96
N GLN D 49 23.40 34.30 43.81
CA GLN D 49 24.19 33.11 43.54
C GLN D 49 23.74 32.40 42.27
N ARG D 50 22.42 32.28 42.06
CA ARG D 50 21.93 31.60 40.87
C ARG D 50 22.32 32.35 39.61
N VAL D 51 22.32 33.68 39.67
CA VAL D 51 22.81 34.48 38.54
C VAL D 51 24.29 34.27 38.35
N ALA D 52 25.06 34.22 39.45
CA ALA D 52 26.50 33.98 39.35
C ALA D 52 26.81 32.63 38.72
N LEU D 53 26.08 31.59 39.14
CA LEU D 53 26.29 30.26 38.55
C LEU D 53 25.92 30.24 37.08
N ALA D 54 24.81 30.89 36.70
CA ALA D 54 24.39 30.92 35.30
C ALA D 54 25.38 31.70 34.44
N GLN D 55 26.08 32.67 35.02
CA GLN D 55 27.13 33.35 34.28
C GLN D 55 28.36 32.44 34.12
N GLU D 56 28.68 31.64 35.14
CA GLU D 56 29.85 30.79 35.07
C GLU D 56 29.67 29.69 34.04
N VAL D 57 28.47 29.14 33.92
CA VAL D 57 28.17 28.07 32.98
C VAL D 57 28.11 28.59 31.54
N THR D 58 27.99 29.91 31.35
CA THR D 58 27.77 30.50 30.03
C THR D 58 28.80 31.58 29.69
N LYS D 59 29.95 31.58 30.36
CA LYS D 59 30.95 32.61 30.07
C LYS D 59 31.65 32.39 28.75
N HIS D 60 31.60 31.19 28.19
CA HIS D 60 32.20 30.87 26.90
C HIS D 60 31.33 31.29 25.71
N LEU D 61 30.17 31.89 25.96
CA LEU D 61 29.26 32.31 24.89
C LEU D 61 29.21 33.83 24.85
N PRO D 62 29.53 34.45 23.72
CA PRO D 62 29.58 35.93 23.71
C PRO D 62 28.21 36.57 23.75
N ASN D 63 27.20 35.95 23.14
CA ASN D 63 25.88 36.55 22.99
C ASN D 63 24.89 36.06 24.03
N VAL D 64 25.34 35.74 25.23
CA VAL D 64 24.48 35.27 26.31
C VAL D 64 24.66 36.20 27.50
N GLU D 65 23.55 36.78 27.96
CA GLU D 65 23.52 37.66 29.11
C GLU D 65 22.67 37.03 30.20
N VAL D 66 23.06 37.24 31.46
CA VAL D 66 22.35 36.69 32.61
C VAL D 66 21.94 37.86 33.50
N VAL D 67 20.66 37.94 33.81
CA VAL D 67 20.14 39.02 34.64
C VAL D 67 19.05 38.45 35.54
N GLY D 68 19.05 38.85 36.81
CA GLY D 68 18.00 38.45 37.71
C GLY D 68 16.85 39.45 37.72
N PHE D 69 15.64 38.95 38.00
CA PHE D 69 14.45 39.78 38.02
C PHE D 69 13.43 39.21 39.00
N SER D 70 12.76 40.09 39.73
CA SER D 70 11.73 39.68 40.68
C SER D 70 10.39 40.32 40.35
N THR D 71 10.17 40.64 39.09
CA THR D 71 8.93 41.22 38.62
C THR D 71 8.19 40.22 37.76
N LEU D 72 6.99 40.60 37.33
CA LEU D 72 6.22 39.79 36.40
C LEU D 72 7.01 39.56 35.12
N LEU D 73 6.95 38.33 34.62
CA LEU D 73 7.73 38.00 33.43
C LEU D 73 7.28 38.80 32.22
N ALA D 74 5.97 39.04 32.10
CA ALA D 74 5.45 39.80 30.97
C ALA D 74 5.88 41.27 31.02
N HIS D 75 6.08 41.81 32.22
CA HIS D 75 6.59 43.17 32.35
C HIS D 75 8.09 43.22 32.08
N PHE D 76 8.83 42.20 32.52
CA PHE D 76 10.27 42.20 32.40
C PHE D 76 10.72 42.04 30.95
N VAL D 77 10.03 41.19 30.19
CA VAL D 77 10.42 40.99 28.79
C VAL D 77 10.28 42.28 28.01
N LYS D 78 9.27 43.10 28.32
CA LYS D 78 9.16 44.38 27.64
C LYS D 78 10.28 45.31 28.07
N GLU D 79 10.62 45.32 29.36
CA GLU D 79 11.75 46.14 29.79
C GLU D 79 13.06 45.64 29.21
N GLN D 80 13.16 44.34 28.97
CA GLN D 80 14.31 43.77 28.29
C GLN D 80 14.22 43.88 26.77
N LYS D 81 13.10 44.37 26.24
CA LYS D 81 12.92 44.60 24.81
C LYS D 81 13.18 43.32 24.01
N ALA D 82 12.71 42.19 24.54
CA ALA D 82 12.80 40.92 23.86
C ALA D 82 11.46 40.56 23.25
N ASN D 83 11.50 39.85 22.13
CA ASN D 83 10.29 39.49 21.40
C ASN D 83 10.02 37.99 21.38
N VAL D 84 10.84 37.17 22.04
CA VAL D 84 10.63 35.73 22.04
C VAL D 84 10.93 35.18 23.43
N PHE D 85 9.98 34.44 23.99
CA PHE D 85 10.24 33.62 25.17
C PHE D 85 10.88 32.31 24.75
N LEU D 86 11.81 31.84 25.56
CA LEU D 86 12.37 30.51 25.40
C LEU D 86 11.90 29.63 26.56
N ARG D 87 11.30 28.49 26.24
CA ARG D 87 10.93 27.53 27.25
C ARG D 87 11.42 26.16 26.83
N GLY D 88 11.81 25.36 27.81
CA GLY D 88 12.28 24.01 27.54
C GLY D 88 11.14 23.02 27.36
N LEU D 89 11.50 21.90 26.73
CA LEU D 89 10.55 20.82 26.49
C LEU D 89 11.33 19.52 26.45
N ARG D 90 11.04 18.62 27.39
CA ARG D 90 11.82 17.39 27.56
C ARG D 90 11.02 16.11 27.40
N ALA D 91 9.73 16.20 27.06
CA ALA D 91 8.80 15.06 27.03
C ALA D 91 8.53 14.50 28.42
N VAL D 92 9.47 14.71 29.33
CA VAL D 92 9.31 14.44 30.75
C VAL D 92 8.79 15.68 31.45
N SER D 93 8.31 16.65 30.68
CA SER D 93 8.21 17.99 31.25
C SER D 93 6.91 18.20 31.99
N ASP D 94 6.29 19.37 31.80
CA ASP D 94 5.09 19.76 32.51
C ASP D 94 4.15 20.46 31.52
N PHE D 95 3.83 19.74 30.43
CA PHE D 95 3.04 20.32 29.34
C PHE D 95 1.75 20.96 29.85
N GLU D 96 1.17 20.41 30.92
CA GLU D 96 -0.04 21.00 31.48
C GLU D 96 0.24 22.44 31.92
N TYR D 97 1.34 22.64 32.65
CA TYR D 97 1.71 23.98 33.06
C TYR D 97 2.30 24.78 31.90
N GLU D 98 2.99 24.11 30.97
CA GLU D 98 3.73 24.82 29.94
C GLU D 98 2.81 25.54 28.96
N PHE D 99 1.66 24.93 28.65
CA PHE D 99 0.79 25.50 27.63
C PHE D 99 -0.14 26.59 28.16
N GLN D 100 -0.62 26.46 29.41
CA GLN D 100 -1.36 27.56 30.02
C GLN D 100 -0.42 28.71 30.34
N LEU D 101 0.85 28.43 30.59
CA LEU D 101 1.82 29.50 30.79
C LEU D 101 2.03 30.29 29.51
N ALA D 102 1.96 29.62 28.35
CA ALA D 102 2.10 30.32 27.08
C ALA D 102 0.82 31.07 26.72
N ASN D 103 -0.33 30.46 27.00
CA ASN D 103 -1.61 31.10 26.68
C ASN D 103 -1.81 32.34 27.54
N MET D 104 -1.53 32.24 28.84
CA MET D 104 -1.78 33.39 29.72
C MET D 104 -0.78 34.51 29.46
N ASN D 105 0.49 34.17 29.17
CA ASN D 105 1.44 35.22 28.77
C ASN D 105 1.06 35.81 27.42
N ARG D 106 0.48 35.00 26.53
CA ARG D 106 0.02 35.54 25.25
C ARG D 106 -1.02 36.63 25.43
N GLN D 107 -1.79 36.57 26.51
CA GLN D 107 -2.75 37.64 26.80
C GLN D 107 -2.07 38.87 27.37
N LEU D 108 -0.98 38.67 28.13
CA LEU D 108 -0.30 39.79 28.78
C LEU D 108 0.71 40.45 27.83
N ALA D 109 1.42 39.66 27.03
CA ALA D 109 2.41 40.17 26.08
C ALA D 109 2.13 39.56 24.71
N PRO D 110 1.13 40.08 24.00
CA PRO D 110 0.75 39.46 22.72
C PRO D 110 1.85 39.51 21.67
N ASP D 111 2.71 40.53 21.69
CA ASP D 111 3.77 40.68 20.71
C ASP D 111 5.00 39.82 21.00
N VAL D 112 4.99 39.08 22.11
CA VAL D 112 6.09 38.20 22.48
C VAL D 112 5.67 36.78 22.19
N GLU D 113 6.45 36.07 21.39
CA GLU D 113 6.12 34.71 20.97
C GLU D 113 6.82 33.70 21.88
N SER D 114 6.05 32.73 22.37
CA SER D 114 6.61 31.62 23.15
C SER D 114 7.04 30.50 22.21
N MET D 115 8.33 30.20 22.21
CA MET D 115 8.87 29.15 21.37
C MET D 115 9.56 28.11 22.23
N PHE D 116 9.49 26.86 21.78
CA PHE D 116 9.99 25.73 22.55
C PHE D 116 11.12 25.05 21.79
N LEU D 117 12.22 24.81 22.50
CA LEU D 117 13.30 23.96 22.03
C LEU D 117 13.38 22.72 22.92
N THR D 118 13.99 21.67 22.37
CA THR D 118 14.15 20.41 23.10
C THR D 118 15.63 20.07 23.26
N PRO D 119 16.13 19.92 24.48
CA PRO D 119 17.55 19.58 24.67
C PRO D 119 17.83 18.19 24.15
N SER D 120 19.14 17.89 24.05
CA SER D 120 19.58 16.60 23.58
C SER D 120 19.05 15.49 24.49
N GLU D 121 18.80 14.33 23.88
CA GLU D 121 18.19 13.25 24.64
C GLU D 121 19.10 12.79 25.78
N LYS D 122 20.41 12.98 25.64
CA LYS D 122 21.35 12.65 26.70
C LYS D 122 21.28 13.62 27.87
N TYR D 123 20.77 14.84 27.65
CA TYR D 123 20.71 15.84 28.71
C TYR D 123 19.28 16.09 29.22
N SER D 124 18.25 15.58 28.55
CA SER D 124 16.94 15.57 29.17
C SER D 124 16.94 14.60 30.34
N PHE D 125 15.78 14.45 30.98
CA PHE D 125 15.62 13.64 32.19
C PHE D 125 16.44 14.19 33.36
N ILE D 126 16.92 15.42 33.28
CA ILE D 126 17.68 16.07 34.34
C ILE D 126 16.82 17.21 34.88
N SER D 127 16.41 17.10 36.15
CA SER D 127 15.63 18.12 36.81
C SER D 127 16.44 18.70 37.97
N SER D 128 16.45 20.02 38.08
CA SER D 128 17.21 20.67 39.15
C SER D 128 16.66 20.33 40.53
N THR D 129 15.38 19.97 40.63
CA THR D 129 14.83 19.55 41.92
C THR D 129 15.47 18.25 42.39
N LEU D 130 15.53 17.26 41.51
CA LEU D 130 16.21 16.01 41.85
C LEU D 130 17.70 16.23 42.08
N VAL D 131 18.31 17.19 41.36
CA VAL D 131 19.72 17.51 41.57
C VAL D 131 19.92 18.09 42.96
N ARG D 132 18.99 18.92 43.42
CA ARG D 132 19.09 19.45 44.78
C ARG D 132 18.99 18.34 45.81
N GLU D 133 18.09 17.38 45.59
CA GLU D 133 17.89 16.31 46.55
C GLU D 133 19.08 15.36 46.60
N ILE D 134 19.62 14.98 45.44
CA ILE D 134 20.76 14.07 45.40
C ILE D 134 21.96 14.72 46.08
N ALA D 135 22.20 16.00 45.80
CA ALA D 135 23.32 16.69 46.44
C ALA D 135 23.12 16.84 47.94
N ALA D 136 21.87 17.03 48.39
CA ALA D 136 21.61 17.18 49.82
C ALA D 136 21.92 15.91 50.61
N LEU D 137 21.91 14.74 49.95
CA LEU D 137 22.19 13.48 50.63
C LEU D 137 23.58 12.94 50.33
N GLY D 138 24.46 13.76 49.76
CA GLY D 138 25.82 13.33 49.50
C GLY D 138 26.02 12.62 48.18
N GLY D 139 25.09 12.76 47.23
CA GLY D 139 25.23 12.10 45.95
C GLY D 139 26.20 12.82 45.02
N ASP D 140 26.56 12.13 43.94
CA ASP D 140 27.47 12.66 42.93
C ASP D 140 26.64 13.29 41.81
N ILE D 141 26.50 14.61 41.83
CA ILE D 141 25.71 15.30 40.81
C ILE D 141 26.61 15.82 39.69
N SER D 142 27.83 15.32 39.61
CA SER D 142 28.77 15.78 38.59
C SER D 142 28.27 15.46 37.18
N LYS D 143 27.51 14.38 37.03
CA LYS D 143 27.00 14.00 35.73
C LYS D 143 25.69 14.70 35.39
N PHE D 144 25.25 15.65 36.22
CA PHE D 144 24.04 16.40 35.94
C PHE D 144 24.27 17.90 35.77
N VAL D 145 25.30 18.47 36.42
CA VAL D 145 25.51 19.90 36.40
C VAL D 145 26.97 20.22 36.07
N HIS D 146 27.22 21.49 35.87
CA HIS D 146 28.56 21.99 35.61
C HIS D 146 29.39 21.95 36.91
N PRO D 147 30.71 21.72 36.80
CA PRO D 147 31.55 21.65 38.02
C PRO D 147 31.40 22.84 38.96
N ALA D 148 31.22 24.06 38.43
CA ALA D 148 30.97 25.21 39.30
C ALA D 148 29.69 25.06 40.08
N VAL D 149 28.68 24.42 39.49
CA VAL D 149 27.43 24.18 40.21
C VAL D 149 27.60 23.02 41.19
N ALA D 150 28.32 21.98 40.78
CA ALA D 150 28.57 20.84 41.67
C ALA D 150 29.33 21.27 42.91
N ASP D 151 30.33 22.14 42.74
CA ASP D 151 31.06 22.65 43.89
C ASP D 151 30.16 23.47 44.80
N ALA D 152 29.33 24.34 44.23
CA ALA D 152 28.44 25.18 45.04
C ALA D 152 27.46 24.33 45.83
N LEU D 153 26.94 23.27 45.21
CA LEU D 153 26.05 22.35 45.92
C LEU D 153 26.77 21.68 47.08
N ALA D 154 27.95 21.14 46.83
CA ALA D 154 28.71 20.49 47.89
C ALA D 154 29.07 21.48 48.98
N GLU D 155 29.39 22.72 48.61
CA GLU D 155 29.67 23.75 49.61
C GLU D 155 28.40 24.16 50.34
N ARG D 156 27.27 24.19 49.64
CA ARG D 156 26.01 24.58 50.28
C ARG D 156 25.60 23.60 51.36
N PHE D 157 25.83 22.31 51.16
CA PHE D 157 25.49 21.28 52.13
C PHE D 157 26.73 20.81 52.89
N LYS D 158 27.40 21.76 53.53
CA LYS D 158 28.63 21.46 54.27
C LYS D 158 29.00 22.58 55.23
N MET E 1 21.16 -39.26 -15.41
CA MET E 1 19.79 -39.09 -14.92
C MET E 1 19.27 -37.69 -15.22
N ASN E 2 17.97 -37.49 -15.01
CA ASN E 2 17.33 -36.20 -15.21
C ASN E 2 16.82 -35.68 -13.87
N ARG E 3 17.37 -34.56 -13.42
CA ARG E 3 16.95 -33.90 -12.19
C ARG E 3 16.41 -32.51 -12.56
N VAL E 4 15.09 -32.37 -12.59
CA VAL E 4 14.45 -31.13 -13.03
C VAL E 4 14.28 -30.20 -11.85
N LEU E 5 14.48 -28.90 -12.08
CA LEU E 5 14.30 -27.88 -11.06
C LEU E 5 13.17 -26.96 -11.50
N TYR E 6 12.13 -26.87 -10.67
CA TYR E 6 10.94 -26.06 -10.95
C TYR E 6 10.97 -24.82 -10.07
N PRO E 7 11.50 -23.70 -10.55
CA PRO E 7 11.57 -22.49 -9.72
C PRO E 7 10.35 -21.60 -9.89
N GLY E 8 10.03 -20.89 -8.81
CA GLY E 8 8.90 -19.99 -8.82
C GLY E 8 8.65 -19.43 -7.44
N THR E 9 7.76 -18.44 -7.40
CA THR E 9 7.40 -17.82 -6.13
C THR E 9 6.48 -18.71 -5.31
N PHE E 10 5.48 -19.31 -5.95
CA PHE E 10 4.52 -20.20 -5.29
C PHE E 10 3.87 -19.50 -4.10
N ASP E 11 3.32 -18.32 -4.36
CA ASP E 11 2.68 -17.53 -3.32
C ASP E 11 1.26 -17.15 -3.69
N PRO E 12 0.31 -18.08 -3.48
CA PRO E 12 0.57 -19.45 -3.01
C PRO E 12 0.69 -20.45 -4.16
N ILE E 13 0.93 -21.72 -3.82
CA ILE E 13 0.93 -22.77 -4.83
C ILE E 13 -0.50 -23.12 -5.18
N THR E 14 -0.77 -23.28 -6.47
CA THR E 14 -2.12 -23.50 -6.98
C THR E 14 -2.22 -24.88 -7.62
N LYS E 15 -3.42 -25.20 -8.11
CA LYS E 15 -3.62 -26.47 -8.81
C LYS E 15 -2.93 -26.47 -10.16
N GLY E 16 -2.70 -25.30 -10.75
CA GLY E 16 -1.89 -25.25 -11.97
C GLY E 16 -0.46 -25.65 -11.72
N HIS E 17 0.11 -25.20 -10.60
CA HIS E 17 1.43 -25.68 -10.20
C HIS E 17 1.39 -27.16 -9.85
N GLY E 18 0.35 -27.59 -9.12
CA GLY E 18 0.26 -28.97 -8.72
C GLY E 18 0.19 -29.92 -9.90
N ASP E 19 -0.65 -29.59 -10.89
CA ASP E 19 -0.72 -30.42 -12.09
C ASP E 19 0.60 -30.44 -12.84
N LEU E 20 1.35 -29.34 -12.79
CA LEU E 20 2.66 -29.32 -13.43
C LEU E 20 3.65 -30.19 -12.69
N ILE E 21 3.55 -30.23 -11.35
CA ILE E 21 4.43 -31.09 -10.57
C ILE E 21 4.05 -32.56 -10.74
N GLU E 22 2.76 -32.85 -10.91
CA GLU E 22 2.33 -34.23 -11.14
C GLU E 22 2.87 -34.76 -12.47
N ARG E 23 2.86 -33.92 -13.50
CA ARG E 23 3.42 -34.34 -14.78
C ARG E 23 4.93 -34.42 -14.75
N ALA E 24 5.58 -33.53 -13.98
CA ALA E 24 7.05 -33.57 -13.90
C ALA E 24 7.55 -34.79 -13.14
N SER E 25 6.79 -35.24 -12.13
CA SER E 25 7.20 -36.41 -11.36
C SER E 25 7.11 -37.69 -12.19
N ARG E 26 6.16 -37.75 -13.13
CA ARG E 26 6.03 -38.93 -13.96
C ARG E 26 7.15 -39.02 -14.99
N LEU E 27 7.74 -37.89 -15.37
CA LEU E 27 8.73 -37.85 -16.45
C LEU E 27 10.15 -38.03 -15.95
N PHE E 28 10.54 -37.26 -14.94
CA PHE E 28 11.92 -37.22 -14.46
C PHE E 28 12.07 -38.03 -13.18
N ASP E 29 13.31 -38.45 -12.92
CA ASP E 29 13.58 -39.26 -11.74
C ASP E 29 13.56 -38.44 -10.46
N HIS E 30 13.75 -37.13 -10.54
CA HIS E 30 13.75 -36.29 -9.35
C HIS E 30 13.33 -34.88 -9.72
N VAL E 31 12.36 -34.35 -8.96
CA VAL E 31 11.82 -33.02 -9.18
C VAL E 31 12.15 -32.16 -7.97
N ILE E 32 12.79 -31.02 -8.21
CA ILE E 32 13.15 -30.08 -7.16
C ILE E 32 12.31 -28.83 -7.33
N ILE E 33 11.44 -28.56 -6.37
CA ILE E 33 10.59 -27.37 -6.36
C ILE E 33 11.39 -26.28 -5.63
N ALA E 34 11.97 -25.36 -6.39
CA ALA E 34 12.80 -24.30 -5.83
C ALA E 34 11.93 -23.09 -5.56
N VAL E 35 11.51 -22.92 -4.32
CA VAL E 35 10.68 -21.78 -3.92
C VAL E 35 11.57 -20.57 -3.69
N ALA E 36 11.37 -19.54 -4.50
CA ALA E 36 12.17 -18.32 -4.41
C ALA E 36 11.58 -17.36 -3.39
N ALA E 37 12.46 -16.67 -2.66
CA ALA E 37 12.03 -15.69 -1.67
C ALA E 37 11.31 -14.53 -2.35
N SER E 38 11.98 -13.86 -3.28
CA SER E 38 11.43 -12.76 -4.05
C SER E 38 10.80 -11.67 -3.19
N PRO E 39 11.59 -10.98 -2.35
CA PRO E 39 11.02 -9.95 -1.47
C PRO E 39 10.61 -8.68 -2.20
N LYS E 40 11.01 -8.49 -3.45
CA LYS E 40 10.70 -7.25 -4.15
C LYS E 40 9.24 -7.17 -4.57
N LYS E 41 8.58 -8.31 -4.79
CA LYS E 41 7.17 -8.32 -5.18
C LYS E 41 6.22 -8.29 -3.97
N ASN E 42 6.77 -8.32 -2.75
CA ASN E 42 5.99 -8.38 -1.50
C ASN E 42 5.10 -9.61 -1.46
N PRO E 43 5.66 -10.80 -1.25
CA PRO E 43 4.82 -12.00 -1.21
C PRO E 43 3.92 -12.00 0.02
N LEU E 44 2.74 -12.63 -0.14
CA LEU E 44 1.80 -12.73 0.98
C LEU E 44 2.33 -13.66 2.06
N PHE E 45 2.75 -14.87 1.68
CA PHE E 45 3.31 -15.84 2.60
C PHE E 45 4.83 -15.78 2.61
N SER E 46 5.41 -16.13 3.76
CA SER E 46 6.86 -16.15 3.90
C SER E 46 7.46 -17.32 3.12
N LEU E 47 8.78 -17.28 2.97
CA LEU E 47 9.47 -18.37 2.29
C LEU E 47 9.31 -19.69 3.04
N GLU E 48 9.31 -19.63 4.37
CA GLU E 48 9.17 -20.86 5.16
C GLU E 48 7.81 -21.50 4.96
N GLN E 49 6.74 -20.69 4.95
CA GLN E 49 5.41 -21.26 4.81
C GLN E 49 5.14 -21.71 3.37
N ARG E 50 5.70 -21.03 2.38
CA ARG E 50 5.54 -21.47 1.00
C ARG E 50 6.22 -22.81 0.75
N VAL E 51 7.35 -23.06 1.42
CA VAL E 51 8.00 -24.37 1.32
C VAL E 51 7.17 -25.44 2.00
N ALA E 52 6.61 -25.12 3.17
CA ALA E 52 5.77 -26.08 3.88
C ALA E 52 4.49 -26.39 3.13
N LEU E 53 3.93 -25.41 2.42
CA LEU E 53 2.74 -25.66 1.63
C LEU E 53 3.05 -26.56 0.44
N ALA E 54 4.16 -26.28 -0.26
CA ALA E 54 4.52 -27.11 -1.41
C ALA E 54 4.89 -28.53 -0.97
N GLN E 55 5.39 -28.70 0.25
CA GLN E 55 5.66 -30.03 0.76
C GLN E 55 4.38 -30.77 1.09
N GLU E 56 3.39 -30.05 1.64
CA GLU E 56 2.11 -30.68 1.97
C GLU E 56 1.36 -31.09 0.71
N VAL E 57 1.44 -30.27 -0.35
CA VAL E 57 0.76 -30.62 -1.59
C VAL E 57 1.45 -31.78 -2.29
N THR E 58 2.77 -31.89 -2.16
CA THR E 58 3.55 -32.91 -2.85
C THR E 58 4.07 -33.99 -1.91
N LYS E 59 3.43 -34.18 -0.75
CA LYS E 59 3.88 -35.20 0.18
C LYS E 59 3.59 -36.61 -0.32
N HIS E 60 2.69 -36.75 -1.28
CA HIS E 60 2.34 -38.06 -1.84
C HIS E 60 3.24 -38.48 -2.99
N LEU E 61 4.15 -37.61 -3.45
CA LEU E 61 5.04 -37.93 -4.55
C LEU E 61 6.43 -38.19 -4.00
N PRO E 62 7.02 -39.38 -4.23
CA PRO E 62 8.31 -39.68 -3.60
C PRO E 62 9.48 -38.94 -4.26
N ASN E 63 9.44 -38.76 -5.59
CA ASN E 63 10.53 -38.15 -6.34
C ASN E 63 10.40 -36.65 -6.43
N VAL E 64 9.80 -35.99 -5.43
CA VAL E 64 9.60 -34.56 -5.43
C VAL E 64 10.19 -33.99 -4.14
N GLU E 65 11.06 -32.99 -4.29
CA GLU E 65 11.70 -32.32 -3.17
C GLU E 65 11.43 -30.82 -3.27
N VAL E 66 11.15 -30.20 -2.12
CA VAL E 66 10.88 -28.76 -2.06
C VAL E 66 12.01 -28.09 -1.28
N VAL E 67 12.59 -27.05 -1.87
CA VAL E 67 13.67 -26.30 -1.25
C VAL E 67 13.38 -24.81 -1.44
N GLY E 68 13.77 -24.02 -0.45
CA GLY E 68 13.65 -22.56 -0.53
C GLY E 68 15.02 -21.94 -0.75
N PHE E 69 15.08 -20.94 -1.62
CA PHE E 69 16.34 -20.30 -1.95
C PHE E 69 16.10 -18.80 -2.14
N SER E 70 17.12 -18.01 -1.78
CA SER E 70 17.05 -16.55 -1.93
C SER E 70 18.24 -16.03 -2.73
N THR E 71 18.93 -16.89 -3.46
CA THR E 71 20.08 -16.50 -4.27
C THR E 71 19.68 -16.49 -5.74
N LEU E 72 20.67 -16.28 -6.61
CA LEU E 72 20.41 -16.28 -8.04
C LEU E 72 19.99 -17.67 -8.51
N LEU E 73 19.02 -17.71 -9.42
CA LEU E 73 18.54 -18.99 -9.93
C LEU E 73 19.64 -19.74 -10.67
N ALA E 74 20.51 -19.01 -11.38
CA ALA E 74 21.60 -19.66 -12.12
C ALA E 74 22.63 -20.25 -11.18
N HIS E 75 22.86 -19.64 -10.02
CA HIS E 75 23.80 -20.20 -9.06
C HIS E 75 23.18 -21.35 -8.29
N PHE E 76 21.89 -21.23 -7.96
CA PHE E 76 21.22 -22.24 -7.15
C PHE E 76 21.00 -23.54 -7.93
N VAL E 77 20.74 -23.44 -9.24
CA VAL E 77 20.55 -24.65 -10.03
C VAL E 77 21.86 -25.42 -10.16
N LYS E 78 22.99 -24.72 -10.15
CA LYS E 78 24.28 -25.39 -10.19
C LYS E 78 24.60 -26.06 -8.85
N GLU E 79 24.20 -25.42 -7.74
CA GLU E 79 24.43 -26.01 -6.43
C GLU E 79 23.56 -27.24 -6.20
N GLN E 80 22.38 -27.29 -6.82
CA GLN E 80 21.49 -28.44 -6.74
C GLN E 80 21.83 -29.51 -7.76
N LYS E 81 22.80 -29.24 -8.64
CA LYS E 81 23.23 -30.20 -9.67
C LYS E 81 22.06 -30.60 -10.57
N ALA E 82 21.18 -29.64 -10.85
CA ALA E 82 20.08 -29.84 -11.77
C ALA E 82 20.46 -29.31 -13.14
N ASN E 83 20.00 -30.00 -14.19
CA ASN E 83 20.36 -29.65 -15.56
C ASN E 83 19.15 -29.28 -16.41
N VAL E 84 17.96 -29.16 -15.81
CA VAL E 84 16.74 -28.88 -16.55
C VAL E 84 15.92 -27.86 -15.78
N PHE E 85 15.63 -26.73 -16.41
CA PHE E 85 14.65 -25.78 -15.91
C PHE E 85 13.24 -26.20 -16.35
N LEU E 86 12.26 -25.88 -15.52
CA LEU E 86 10.86 -26.20 -15.79
C LEU E 86 10.02 -24.95 -15.58
N ARG E 87 9.24 -24.59 -16.60
CA ARG E 87 8.34 -23.44 -16.51
C ARG E 87 6.99 -23.81 -17.11
N GLY E 88 5.95 -23.13 -16.65
CA GLY E 88 4.59 -23.43 -17.05
C GLY E 88 4.12 -22.59 -18.22
N LEU E 89 3.23 -23.17 -19.03
CA LEU E 89 2.68 -22.52 -20.21
C LEU E 89 1.16 -22.65 -20.20
N ARG E 90 0.48 -21.54 -19.99
CA ARG E 90 -0.98 -21.43 -20.03
C ARG E 90 -1.35 -20.40 -21.09
N ALA E 91 -2.64 -20.05 -21.15
CA ALA E 91 -3.24 -19.06 -22.05
C ALA E 91 -2.21 -18.32 -22.90
N VAL E 92 -1.74 -17.17 -22.41
CA VAL E 92 -0.66 -16.44 -23.05
C VAL E 92 0.30 -16.01 -21.95
N SER E 93 -0.25 -15.57 -20.81
CA SER E 93 0.55 -15.12 -19.68
C SER E 93 1.57 -14.09 -20.15
N ASP E 94 2.82 -14.21 -19.73
CA ASP E 94 3.86 -13.30 -20.18
C ASP E 94 4.79 -14.06 -21.12
N PHE E 95 4.26 -14.39 -22.30
CA PHE E 95 5.01 -15.08 -23.34
C PHE E 95 6.32 -14.37 -23.63
N GLU E 96 6.33 -13.03 -23.51
CA GLU E 96 7.56 -12.27 -23.65
C GLU E 96 8.50 -12.56 -22.49
N TYR E 97 8.03 -12.39 -21.25
CA TYR E 97 8.89 -12.58 -20.09
C TYR E 97 9.43 -14.00 -20.01
N GLU E 98 8.64 -14.99 -20.44
CA GLU E 98 9.12 -16.38 -20.40
C GLU E 98 10.27 -16.59 -21.36
N PHE E 99 10.25 -15.92 -22.52
CA PHE E 99 11.33 -16.08 -23.49
C PHE E 99 12.59 -15.34 -23.08
N GLN E 100 12.45 -14.11 -22.57
CA GLN E 100 13.63 -13.37 -22.13
C GLN E 100 14.28 -14.06 -20.92
N LEU E 101 13.47 -14.61 -20.02
CA LEU E 101 14.03 -15.29 -18.86
C LEU E 101 14.75 -16.57 -19.26
N ALA E 102 14.16 -17.34 -20.17
CA ALA E 102 14.79 -18.59 -20.60
C ALA E 102 16.08 -18.32 -21.36
N ASN E 103 16.10 -17.27 -22.17
CA ASN E 103 17.29 -16.96 -22.96
C ASN E 103 18.39 -16.37 -22.08
N MET E 104 18.03 -15.47 -21.17
CA MET E 104 19.04 -14.88 -20.29
C MET E 104 19.57 -15.91 -19.30
N ASN E 105 18.74 -16.88 -18.91
CA ASN E 105 19.23 -17.97 -18.08
C ASN E 105 20.15 -18.89 -18.88
N ARG E 106 19.95 -18.95 -20.20
CA ARG E 106 20.83 -19.75 -21.05
C ARG E 106 22.20 -19.09 -21.21
N GLN E 107 22.31 -17.79 -20.94
CA GLN E 107 23.61 -17.14 -20.96
C GLN E 107 24.35 -17.30 -19.64
N LEU E 108 23.62 -17.37 -18.52
CA LEU E 108 24.26 -17.57 -17.22
C LEU E 108 24.59 -19.03 -16.97
N ALA E 109 23.69 -19.93 -17.36
CA ALA E 109 23.87 -21.37 -17.21
C ALA E 109 23.51 -22.05 -18.52
N PRO E 110 24.44 -22.08 -19.48
CA PRO E 110 24.14 -22.73 -20.77
C PRO E 110 23.98 -24.24 -20.65
N ASP E 111 24.56 -24.86 -19.63
CA ASP E 111 24.43 -26.30 -19.44
C ASP E 111 23.06 -26.71 -18.92
N VAL E 112 22.28 -25.75 -18.41
CA VAL E 112 20.95 -26.02 -17.86
C VAL E 112 19.93 -25.71 -18.94
N GLU E 113 19.14 -26.71 -19.31
CA GLU E 113 18.17 -26.58 -20.38
C GLU E 113 16.84 -26.08 -19.85
N SER E 114 16.23 -25.14 -20.57
CA SER E 114 14.95 -24.56 -20.20
C SER E 114 13.85 -25.19 -21.05
N MET E 115 13.05 -26.05 -20.43
CA MET E 115 11.90 -26.66 -21.09
C MET E 115 10.62 -26.14 -20.46
N PHE E 116 9.53 -26.21 -21.23
CA PHE E 116 8.24 -25.68 -20.81
C PHE E 116 7.19 -26.75 -20.92
N LEU E 117 6.29 -26.79 -19.94
CA LEU E 117 5.16 -27.70 -19.94
C LEU E 117 3.87 -26.90 -19.89
N THR E 118 2.77 -27.57 -20.23
CA THR E 118 1.45 -26.99 -20.21
C THR E 118 0.55 -27.80 -19.29
N PRO E 119 -0.17 -27.17 -18.36
CA PRO E 119 -1.07 -27.94 -17.48
C PRO E 119 -2.33 -28.37 -18.22
N SER E 120 -3.17 -29.16 -17.54
CA SER E 120 -4.42 -29.59 -18.14
C SER E 120 -5.35 -28.39 -18.36
N GLU E 121 -6.33 -28.59 -19.25
CA GLU E 121 -7.27 -27.51 -19.55
C GLU E 121 -8.08 -27.14 -18.32
N LYS E 122 -8.20 -28.04 -17.34
CA LYS E 122 -8.97 -27.76 -16.14
C LYS E 122 -8.25 -26.80 -15.21
N TYR E 123 -6.92 -26.87 -15.17
CA TYR E 123 -6.12 -26.06 -14.25
C TYR E 123 -5.39 -24.90 -14.92
N SER E 124 -5.62 -24.66 -16.20
CA SER E 124 -5.09 -23.45 -16.83
C SER E 124 -5.88 -22.23 -16.35
N PHE E 125 -5.40 -21.05 -16.72
CA PHE E 125 -6.01 -19.77 -16.37
C PHE E 125 -6.10 -19.55 -14.86
N ILE E 126 -5.23 -20.21 -14.09
CA ILE E 126 -5.24 -20.11 -12.63
C ILE E 126 -3.92 -19.45 -12.21
N SER E 127 -3.99 -18.20 -11.78
CA SER E 127 -2.83 -17.43 -11.38
C SER E 127 -2.77 -17.29 -9.87
N SER E 128 -1.53 -17.29 -9.33
CA SER E 128 -1.36 -17.15 -7.89
C SER E 128 -1.79 -15.76 -7.42
N THR E 129 -1.70 -14.75 -8.28
CA THR E 129 -2.07 -13.40 -7.87
C THR E 129 -3.57 -13.27 -7.67
N LEU E 130 -4.38 -13.83 -8.57
CA LEU E 130 -5.82 -13.75 -8.42
C LEU E 130 -6.32 -14.58 -7.25
N VAL E 131 -5.59 -15.62 -6.86
CA VAL E 131 -5.98 -16.42 -5.71
C VAL E 131 -5.89 -15.60 -4.43
N ARG E 132 -4.86 -14.76 -4.32
CA ARG E 132 -4.70 -13.94 -3.12
C ARG E 132 -5.76 -12.85 -3.05
N GLU E 133 -6.11 -12.24 -4.18
CA GLU E 133 -7.09 -11.17 -4.20
C GLU E 133 -8.47 -11.67 -3.81
N ILE E 134 -8.86 -12.85 -4.31
CA ILE E 134 -10.14 -13.42 -3.94
C ILE E 134 -10.12 -13.85 -2.48
N ALA E 135 -8.99 -14.35 -2.00
CA ALA E 135 -8.87 -14.74 -0.60
C ALA E 135 -8.93 -13.52 0.32
N ALA E 136 -8.38 -12.39 -0.12
CA ALA E 136 -8.41 -11.17 0.67
C ALA E 136 -9.83 -10.61 0.82
N LEU E 137 -10.72 -10.93 -0.12
CA LEU E 137 -12.10 -10.46 -0.06
C LEU E 137 -13.06 -11.54 0.44
N GLY E 138 -12.53 -12.58 1.07
CA GLY E 138 -13.38 -13.61 1.64
C GLY E 138 -14.01 -14.56 0.64
N GLY E 139 -13.44 -14.66 -0.56
CA GLY E 139 -14.02 -15.52 -1.57
C GLY E 139 -13.65 -16.99 -1.37
N ASP E 140 -14.42 -17.85 -2.02
CA ASP E 140 -14.21 -19.30 -1.92
C ASP E 140 -13.12 -19.70 -2.91
N ILE E 141 -11.98 -20.14 -2.38
CA ILE E 141 -10.84 -20.51 -3.21
C ILE E 141 -10.57 -22.02 -3.11
N SER E 142 -11.56 -22.81 -2.69
CA SER E 142 -11.38 -24.25 -2.61
C SER E 142 -11.23 -24.91 -3.97
N LYS E 143 -11.70 -24.24 -5.03
CA LYS E 143 -11.66 -24.81 -6.36
C LYS E 143 -10.32 -24.58 -7.06
N PHE E 144 -9.54 -23.60 -6.63
CA PHE E 144 -8.32 -23.21 -7.33
C PHE E 144 -7.05 -23.78 -6.71
N VAL E 145 -7.04 -24.05 -5.41
CA VAL E 145 -5.82 -24.45 -4.72
C VAL E 145 -6.10 -25.70 -3.89
N HIS E 146 -5.01 -26.27 -3.38
CA HIS E 146 -5.10 -27.44 -2.52
C HIS E 146 -5.80 -27.09 -1.21
N PRO E 147 -6.52 -28.04 -0.61
CA PRO E 147 -7.18 -27.76 0.68
C PRO E 147 -6.26 -27.18 1.74
N ALA E 148 -5.00 -27.58 1.77
CA ALA E 148 -4.05 -27.02 2.73
C ALA E 148 -3.78 -25.55 2.44
N VAL E 149 -3.71 -25.19 1.16
CA VAL E 149 -3.51 -23.79 0.79
C VAL E 149 -4.72 -22.95 1.17
N ALA E 150 -5.92 -23.52 1.06
CA ALA E 150 -7.13 -22.80 1.44
C ALA E 150 -7.16 -22.52 2.94
N ASP E 151 -6.60 -23.42 3.75
CA ASP E 151 -6.55 -23.20 5.19
C ASP E 151 -5.61 -22.04 5.54
N ALA E 152 -4.41 -22.03 4.93
CA ALA E 152 -3.46 -20.96 5.21
C ALA E 152 -3.99 -19.60 4.78
N LEU E 153 -4.60 -19.53 3.59
CA LEU E 153 -5.16 -18.27 3.12
C LEU E 153 -6.35 -17.84 3.98
N ALA E 154 -7.17 -18.78 4.41
CA ALA E 154 -8.28 -18.45 5.30
C ALA E 154 -7.77 -17.93 6.64
N GLU E 155 -6.72 -18.56 7.17
CA GLU E 155 -6.12 -18.07 8.40
C GLU E 155 -5.44 -16.72 8.20
N ARG E 156 -5.02 -16.43 6.96
CA ARG E 156 -4.31 -15.17 6.70
C ARG E 156 -5.25 -13.98 6.75
N PHE E 157 -6.49 -14.12 6.31
CA PHE E 157 -7.43 -13.01 6.21
C PHE E 157 -8.58 -13.13 7.20
N LYS E 158 -8.30 -13.66 8.39
CA LYS E 158 -9.29 -13.70 9.46
C LYS E 158 -8.63 -13.53 10.83
N MET F 1 13.50 -21.10 38.15
CA MET F 1 14.23 -20.03 37.47
C MET F 1 13.33 -19.22 36.53
N ASN F 2 13.49 -17.90 36.54
CA ASN F 2 12.59 -17.03 35.79
C ASN F 2 12.84 -17.17 34.29
N ARG F 3 11.75 -17.13 33.52
CA ARG F 3 11.83 -17.19 32.06
C ARG F 3 10.96 -16.08 31.50
N VAL F 4 11.59 -15.12 30.81
CA VAL F 4 10.90 -13.92 30.34
C VAL F 4 10.72 -14.03 28.83
N LEU F 5 9.58 -13.54 28.35
CA LEU F 5 9.25 -13.54 26.93
C LEU F 5 9.10 -12.10 26.46
N TYR F 6 9.84 -11.75 25.41
CA TYR F 6 9.89 -10.37 24.90
C TYR F 6 9.15 -10.30 23.57
N PRO F 7 7.86 -9.96 23.56
CA PRO F 7 7.10 -9.97 22.31
C PRO F 7 7.12 -8.62 21.62
N GLY F 8 7.08 -8.70 20.29
CA GLY F 8 7.06 -7.50 19.47
C GLY F 8 7.01 -7.91 18.02
N THR F 9 6.80 -6.90 17.17
CA THR F 9 6.81 -7.15 15.74
C THR F 9 8.23 -7.17 15.20
N PHE F 10 9.14 -6.41 15.83
CA PHE F 10 10.55 -6.32 15.45
C PHE F 10 10.69 -6.18 13.93
N ASP F 11 10.13 -5.09 13.42
CA ASP F 11 10.10 -4.81 11.97
C ASP F 11 10.67 -3.46 11.62
N PRO F 12 12.01 -3.33 11.65
CA PRO F 12 12.96 -4.35 12.10
C PRO F 12 13.38 -4.11 13.56
N ILE F 13 14.18 -5.02 14.12
CA ILE F 13 14.70 -4.81 15.47
C ILE F 13 15.67 -3.63 15.47
N THR F 14 15.59 -2.82 16.51
CA THR F 14 16.36 -1.58 16.59
C THR F 14 17.34 -1.63 17.76
N LYS F 15 18.16 -0.59 17.85
CA LYS F 15 19.06 -0.49 18.99
C LYS F 15 18.30 -0.28 20.29
N GLY F 16 17.12 0.34 20.24
CA GLY F 16 16.31 0.45 21.43
C GLY F 16 15.92 -0.93 21.96
N HIS F 17 15.44 -1.80 21.06
CA HIS F 17 15.13 -3.17 21.46
C HIS F 17 16.39 -3.89 21.93
N GLY F 18 17.51 -3.67 21.24
CA GLY F 18 18.76 -4.31 21.65
C GLY F 18 19.15 -3.97 23.07
N ASP F 19 19.12 -2.68 23.41
CA ASP F 19 19.46 -2.27 24.78
C ASP F 19 18.56 -2.96 25.80
N LEU F 20 17.25 -3.09 25.50
CA LEU F 20 16.34 -3.79 26.38
C LEU F 20 16.69 -5.27 26.49
N ILE F 21 17.12 -5.87 25.38
CA ILE F 21 17.46 -7.29 25.43
C ILE F 21 18.74 -7.51 26.23
N GLU F 22 19.70 -6.59 26.11
CA GLU F 22 20.92 -6.68 26.92
C GLU F 22 20.60 -6.60 28.40
N ARG F 23 19.67 -5.72 28.78
CA ARG F 23 19.34 -5.59 30.19
C ARG F 23 18.54 -6.78 30.68
N ALA F 24 17.58 -7.25 29.86
CA ALA F 24 16.83 -8.43 30.23
C ALA F 24 17.73 -9.65 30.37
N SER F 25 18.81 -9.71 29.57
CA SER F 25 19.71 -10.85 29.61
C SER F 25 20.47 -10.92 30.93
N ARG F 26 20.83 -9.76 31.49
CA ARG F 26 21.52 -9.73 32.78
C ARG F 26 20.60 -10.04 33.94
N LEU F 27 19.29 -9.82 33.78
CA LEU F 27 18.35 -9.97 34.88
C LEU F 27 17.78 -11.38 34.99
N PHE F 28 17.47 -12.02 33.87
CA PHE F 28 16.80 -13.31 33.87
C PHE F 28 17.70 -14.39 33.30
N ASP F 29 17.37 -15.64 33.62
CA ASP F 29 18.18 -16.76 33.14
C ASP F 29 17.90 -17.09 31.69
N HIS F 30 16.67 -16.86 31.23
CA HIS F 30 16.30 -17.14 29.85
C HIS F 30 15.44 -16.00 29.32
N VAL F 31 15.82 -15.48 28.15
CA VAL F 31 15.13 -14.40 27.49
C VAL F 31 14.65 -14.92 26.14
N ILE F 32 13.35 -14.93 25.94
CA ILE F 32 12.77 -15.34 24.66
C ILE F 32 12.34 -14.09 23.90
N ILE F 33 12.89 -13.91 22.71
CA ILE F 33 12.44 -12.87 21.79
C ILE F 33 11.38 -13.52 20.91
N ALA F 34 10.13 -13.13 21.12
CA ALA F 34 9.00 -13.70 20.41
C ALA F 34 8.58 -12.72 19.32
N VAL F 35 8.90 -13.06 18.07
CA VAL F 35 8.58 -12.22 16.93
C VAL F 35 7.18 -12.61 16.44
N ALA F 36 6.20 -11.71 16.65
CA ALA F 36 4.85 -11.96 16.19
C ALA F 36 4.74 -11.71 14.70
N ALA F 37 3.99 -12.57 14.01
CA ALA F 37 3.82 -12.38 12.57
C ALA F 37 3.06 -11.09 12.27
N SER F 38 1.92 -10.88 12.93
CA SER F 38 1.09 -9.71 12.73
C SER F 38 0.84 -9.43 11.24
N PRO F 39 0.24 -10.38 10.52
CA PRO F 39 0.03 -10.16 9.08
C PRO F 39 -0.88 -9.00 8.75
N LYS F 40 -1.78 -8.63 9.66
CA LYS F 40 -2.71 -7.53 9.40
C LYS F 40 -2.01 -6.17 9.47
N LYS F 41 -0.90 -6.06 10.19
CA LYS F 41 -0.10 -4.85 10.15
C LYS F 41 0.76 -4.76 8.89
N ASN F 42 0.78 -5.81 8.06
CA ASN F 42 1.58 -5.91 6.84
C ASN F 42 3.03 -5.51 7.12
N PRO F 43 3.79 -6.35 7.82
CA PRO F 43 5.17 -5.98 8.15
C PRO F 43 6.02 -5.86 6.90
N LEU F 44 7.09 -5.07 7.00
CA LEU F 44 7.99 -4.90 5.86
C LEU F 44 8.78 -6.17 5.60
N PHE F 45 9.40 -6.73 6.65
CA PHE F 45 10.14 -7.97 6.53
C PHE F 45 9.25 -9.16 6.91
N SER F 46 9.50 -10.29 6.26
CA SER F 46 8.77 -11.51 6.59
C SER F 46 9.14 -11.97 8.00
N LEU F 47 8.33 -12.90 8.52
CA LEU F 47 8.61 -13.45 9.85
C LEU F 47 9.99 -14.08 9.92
N GLU F 48 10.40 -14.77 8.85
CA GLU F 48 11.70 -15.41 8.85
C GLU F 48 12.84 -14.39 8.88
N GLN F 49 12.72 -13.33 8.07
CA GLN F 49 13.77 -12.32 8.05
C GLN F 49 13.89 -11.62 9.40
N ARG F 50 12.75 -11.28 10.01
CA ARG F 50 12.77 -10.60 11.29
C ARG F 50 13.39 -11.48 12.37
N VAL F 51 13.10 -12.79 12.33
CA VAL F 51 13.73 -13.71 13.28
C VAL F 51 15.22 -13.83 13.00
N ALA F 52 15.60 -13.90 11.73
CA ALA F 52 17.02 -13.97 11.39
C ALA F 52 17.76 -12.73 11.85
N LEU F 53 17.18 -11.55 11.62
CA LEU F 53 17.84 -10.32 12.06
C LEU F 53 17.92 -10.26 13.57
N ALA F 54 16.86 -10.67 14.27
CA ALA F 54 16.90 -10.68 15.73
C ALA F 54 17.92 -11.69 16.24
N GLN F 55 18.20 -12.74 15.47
CA GLN F 55 19.26 -13.67 15.85
C GLN F 55 20.64 -13.05 15.64
N GLU F 56 20.80 -12.23 14.59
CA GLU F 56 22.11 -11.60 14.36
C GLU F 56 22.44 -10.60 15.44
N VAL F 57 21.45 -9.83 15.90
CA VAL F 57 21.65 -8.80 16.90
C VAL F 57 21.88 -9.39 18.28
N THR F 58 21.52 -10.66 18.49
CA THR F 58 21.57 -11.25 19.83
C THR F 58 22.38 -12.55 19.88
N LYS F 59 23.26 -12.79 18.89
CA LYS F 59 24.08 -13.99 18.89
C LYS F 59 25.23 -13.91 19.89
N HIS F 60 25.56 -12.72 20.37
CA HIS F 60 26.59 -12.53 21.39
C HIS F 60 26.09 -12.79 22.79
N LEU F 61 24.81 -13.13 22.95
CA LEU F 61 24.20 -13.40 24.25
C LEU F 61 23.82 -14.86 24.34
N PRO F 62 24.29 -15.59 25.36
CA PRO F 62 23.99 -17.03 25.43
C PRO F 62 22.54 -17.31 25.82
N ASN F 63 21.92 -16.50 26.67
CA ASN F 63 20.61 -16.78 27.22
C ASN F 63 19.49 -16.06 26.47
N VAL F 64 19.65 -15.84 25.16
CA VAL F 64 18.64 -15.19 24.35
C VAL F 64 18.32 -16.11 23.18
N GLU F 65 17.08 -16.51 23.05
CA GLU F 65 16.64 -17.27 21.89
C GLU F 65 15.54 -16.48 21.18
N VAL F 66 15.47 -16.64 19.87
CA VAL F 66 14.50 -15.94 19.04
C VAL F 66 13.62 -16.98 18.37
N VAL F 67 12.30 -16.81 18.51
CA VAL F 67 11.34 -17.73 17.94
C VAL F 67 10.17 -16.91 17.39
N GLY F 68 9.71 -17.29 16.19
CA GLY F 68 8.54 -16.65 15.61
C GLY F 68 7.27 -17.39 15.99
N PHE F 69 6.17 -16.63 16.06
CA PHE F 69 4.89 -17.20 16.44
C PHE F 69 3.76 -16.42 15.77
N SER F 70 2.75 -17.15 15.33
CA SER F 70 1.58 -16.57 14.70
C SER F 70 0.30 -16.94 15.46
N THR F 71 0.42 -17.22 16.74
CA THR F 71 -0.73 -17.51 17.58
C THR F 71 -0.96 -16.38 18.57
N LEU F 72 -2.04 -16.50 19.33
CA LEU F 72 -2.32 -15.56 20.41
C LEU F 72 -1.14 -15.54 21.38
N LEU F 73 -0.79 -14.34 21.84
CA LEU F 73 0.35 -14.20 22.76
C LEU F 73 0.08 -14.92 24.07
N ALA F 74 -1.18 -14.87 24.53
CA ALA F 74 -1.52 -15.53 25.79
C ALA F 74 -1.44 -17.04 25.68
N HIS F 75 -1.68 -17.60 24.49
CA HIS F 75 -1.51 -19.03 24.24
C HIS F 75 -0.04 -19.40 24.07
N PHE F 76 0.73 -18.54 23.41
CA PHE F 76 2.13 -18.84 23.11
C PHE F 76 3.00 -18.80 24.37
N VAL F 77 2.75 -17.83 25.26
CA VAL F 77 3.57 -17.71 26.47
C VAL F 77 3.42 -18.96 27.33
N LYS F 78 2.21 -19.54 27.39
CA LYS F 78 2.04 -20.78 28.16
C LYS F 78 2.76 -21.93 27.47
N GLU F 79 2.68 -22.01 26.14
CA GLU F 79 3.39 -23.07 25.43
C GLU F 79 4.88 -22.93 25.59
N GLN F 80 5.36 -21.70 25.74
CA GLN F 80 6.78 -21.45 26.01
C GLN F 80 7.14 -21.60 27.48
N LYS F 81 6.16 -21.85 28.35
CA LYS F 81 6.37 -22.05 29.79
C LYS F 81 7.09 -20.85 30.41
N ALA F 82 6.73 -19.66 29.97
CA ALA F 82 7.27 -18.43 30.53
C ALA F 82 6.26 -17.79 31.48
N ASN F 83 6.77 -17.15 32.53
CA ASN F 83 5.90 -16.54 33.53
C ASN F 83 5.97 -15.02 33.56
N VAL F 84 6.74 -14.39 32.66
CA VAL F 84 6.88 -12.94 32.66
C VAL F 84 6.88 -12.43 31.23
N PHE F 85 5.97 -11.50 30.94
CA PHE F 85 6.04 -10.71 29.70
C PHE F 85 7.05 -9.58 29.88
N LEU F 86 7.77 -9.27 28.83
CA LEU F 86 8.63 -8.09 28.78
C LEU F 86 8.03 -7.07 27.82
N ARG F 87 7.84 -5.84 28.30
CA ARG F 87 7.35 -4.78 27.44
C ARG F 87 8.24 -3.56 27.58
N GLY F 88 8.44 -2.86 26.47
CA GLY F 88 9.28 -1.68 26.49
C GLY F 88 8.55 -0.46 27.02
N LEU F 89 9.34 0.52 27.45
CA LEU F 89 8.80 1.77 27.98
C LEU F 89 9.82 2.86 27.73
N ARG F 90 9.44 3.86 26.94
CA ARG F 90 10.34 4.94 26.58
C ARG F 90 9.82 6.30 27.02
N ALA F 91 8.66 6.34 27.67
CA ALA F 91 7.95 7.55 28.03
C ALA F 91 8.23 8.74 27.14
N VAL F 92 7.65 8.76 25.94
CA VAL F 92 7.67 9.99 25.15
C VAL F 92 6.42 10.74 25.60
N SER F 93 5.25 10.16 25.32
CA SER F 93 4.08 10.25 26.17
C SER F 93 4.16 9.06 27.12
N ASP F 94 3.14 8.19 27.11
CA ASP F 94 3.05 7.04 28.00
C ASP F 94 2.75 5.77 27.21
N PHE F 95 2.15 5.92 26.03
CA PHE F 95 1.66 4.80 25.23
C PHE F 95 0.59 4.09 26.05
N GLU F 96 -0.61 4.67 26.07
CA GLU F 96 -1.74 4.12 26.82
C GLU F 96 -2.07 2.69 26.40
N TYR F 97 -1.72 2.33 25.17
CA TYR F 97 -1.99 0.98 24.67
C TYR F 97 -1.30 -0.07 25.52
N GLU F 98 -0.21 0.29 26.19
CA GLU F 98 0.56 -0.68 26.95
C GLU F 98 -0.22 -1.23 28.13
N PHE F 99 -1.07 -0.41 28.75
CA PHE F 99 -1.73 -0.82 29.99
C PHE F 99 -2.99 -1.66 29.75
N GLN F 100 -3.77 -1.35 28.70
CA GLN F 100 -4.86 -2.25 28.35
C GLN F 100 -4.34 -3.55 27.76
N LEU F 101 -3.19 -3.52 27.10
CA LEU F 101 -2.59 -4.74 26.58
C LEU F 101 -2.10 -5.64 27.73
N ALA F 102 -1.60 -5.03 28.81
CA ALA F 102 -1.18 -5.81 29.96
C ALA F 102 -2.38 -6.25 30.80
N ASN F 103 -3.37 -5.38 30.94
CA ASN F 103 -4.53 -5.70 31.76
C ASN F 103 -5.37 -6.78 31.10
N MET F 104 -5.58 -6.70 29.78
CA MET F 104 -6.36 -7.72 29.10
C MET F 104 -5.61 -9.06 29.06
N ASN F 105 -4.28 -9.02 28.89
CA ASN F 105 -3.52 -10.26 29.01
C ASN F 105 -3.57 -10.81 30.42
N ARG F 106 -3.67 -9.94 31.43
CA ARG F 106 -3.81 -10.39 32.81
C ARG F 106 -5.07 -11.22 32.99
N GLN F 107 -6.09 -10.96 32.18
CA GLN F 107 -7.30 -11.76 32.22
C GLN F 107 -7.15 -13.08 31.49
N LEU F 108 -6.34 -13.12 30.42
CA LEU F 108 -6.18 -14.35 29.65
C LEU F 108 -5.14 -15.27 30.27
N ALA F 109 -4.04 -14.70 30.76
CA ALA F 109 -2.95 -15.45 31.36
C ALA F 109 -2.64 -14.81 32.71
N PRO F 110 -3.44 -15.10 33.73
CA PRO F 110 -3.21 -14.45 35.04
C PRO F 110 -1.87 -14.83 35.65
N ASP F 111 -1.35 -16.02 35.36
CA ASP F 111 -0.10 -16.46 35.95
C ASP F 111 1.13 -15.83 35.29
N VAL F 112 0.93 -15.03 34.25
CA VAL F 112 2.01 -14.36 33.54
C VAL F 112 1.98 -12.88 33.93
N GLU F 113 3.10 -12.39 34.44
CA GLU F 113 3.21 -11.00 34.88
C GLU F 113 3.82 -10.14 33.79
N SER F 114 3.20 -8.99 33.53
CA SER F 114 3.74 -8.02 32.59
C SER F 114 4.72 -7.10 33.32
N MET F 115 5.97 -7.10 32.88
CA MET F 115 7.01 -6.29 33.46
C MET F 115 7.57 -5.32 32.44
N PHE F 116 7.91 -4.11 32.87
CA PHE F 116 8.33 -3.05 31.98
C PHE F 116 9.76 -2.64 32.32
N LEU F 117 10.61 -2.59 31.29
CA LEU F 117 11.94 -2.02 31.36
C LEU F 117 12.00 -0.79 30.48
N THR F 118 12.97 0.07 30.77
CA THR F 118 13.18 1.29 29.99
C THR F 118 14.57 1.26 29.37
N PRO F 119 14.70 1.35 28.05
CA PRO F 119 16.04 1.31 27.43
C PRO F 119 16.84 2.55 27.80
N SER F 120 18.14 2.49 27.49
CA SER F 120 19.03 3.60 27.76
C SER F 120 18.53 4.86 27.07
N GLU F 121 18.81 6.01 27.68
CA GLU F 121 18.31 7.26 27.14
C GLU F 121 18.86 7.54 25.74
N LYS F 122 20.04 7.00 25.42
CA LYS F 122 20.61 7.20 24.09
C LYS F 122 19.88 6.40 23.02
N TYR F 123 19.21 5.31 23.38
CA TYR F 123 18.55 4.43 22.43
C TYR F 123 17.03 4.55 22.45
N SER F 124 16.44 5.21 23.43
CA SER F 124 15.04 5.55 23.33
C SER F 124 14.83 6.59 22.23
N PHE F 125 13.59 7.00 22.00
CA PHE F 125 13.22 7.87 20.89
C PHE F 125 13.49 7.24 19.53
N ILE F 126 13.69 5.92 19.50
CA ILE F 126 13.91 5.17 18.27
C ILE F 126 12.72 4.25 18.03
N SER F 127 12.00 4.47 16.93
CA SER F 127 10.89 3.62 16.53
C SER F 127 11.22 2.96 15.21
N SER F 128 10.92 1.67 15.10
CA SER F 128 11.20 0.96 13.85
C SER F 128 10.36 1.48 12.69
N THR F 129 9.20 2.08 12.97
CA THR F 129 8.38 2.66 11.91
C THR F 129 9.10 3.83 11.25
N LEU F 130 9.60 4.76 12.06
CA LEU F 130 10.40 5.84 11.51
C LEU F 130 11.68 5.33 10.87
N VAL F 131 12.25 4.23 11.40
CA VAL F 131 13.44 3.64 10.79
C VAL F 131 13.12 3.06 9.42
N ARG F 132 11.94 2.44 9.28
CA ARG F 132 11.54 1.93 7.97
C ARG F 132 11.34 3.06 6.96
N GLU F 133 10.72 4.15 7.39
CA GLU F 133 10.41 5.25 6.46
C GLU F 133 11.68 5.97 6.02
N ILE F 134 12.59 6.24 6.97
CA ILE F 134 13.83 6.91 6.61
C ILE F 134 14.64 6.06 5.65
N ALA F 135 14.69 4.75 5.88
CA ALA F 135 15.42 3.87 4.95
C ALA F 135 14.75 3.83 3.58
N ALA F 136 13.42 3.91 3.54
CA ALA F 136 12.72 3.83 2.26
C ALA F 136 13.04 5.01 1.35
N LEU F 137 13.49 6.12 1.92
CA LEU F 137 13.83 7.31 1.17
C LEU F 137 15.34 7.51 1.05
N GLY F 138 16.14 6.49 1.37
CA GLY F 138 17.58 6.58 1.24
C GLY F 138 18.30 7.18 2.43
N GLY F 139 17.68 7.18 3.60
CA GLY F 139 18.30 7.74 4.78
C GLY F 139 19.32 6.82 5.42
N ASP F 140 20.10 7.42 6.30
CA ASP F 140 21.16 6.70 7.01
C ASP F 140 20.62 6.21 8.36
N ILE F 141 20.25 4.93 8.40
CA ILE F 141 19.71 4.34 9.62
C ILE F 141 20.80 3.67 10.45
N SER F 142 22.08 3.98 10.18
CA SER F 142 23.17 3.33 10.91
C SER F 142 23.13 3.64 12.40
N LYS F 143 22.64 4.81 12.78
CA LYS F 143 22.59 5.21 14.17
C LYS F 143 21.32 4.73 14.88
N PHE F 144 20.48 3.95 14.22
CA PHE F 144 19.26 3.45 14.84
C PHE F 144 19.22 1.93 14.99
N VAL F 145 19.89 1.18 14.12
CA VAL F 145 19.78 -0.27 14.09
C VAL F 145 21.18 -0.87 14.07
N HIS F 146 21.24 -2.18 14.19
CA HIS F 146 22.48 -2.92 14.09
C HIS F 146 22.94 -2.98 12.63
N PRO F 147 24.26 -3.00 12.37
CA PRO F 147 24.73 -3.01 10.98
C PRO F 147 24.10 -4.11 10.13
N ALA F 148 23.86 -5.30 10.70
CA ALA F 148 23.21 -6.36 9.94
C ALA F 148 21.81 -5.97 9.51
N VAL F 149 21.12 -5.16 10.32
CA VAL F 149 19.78 -4.70 9.96
C VAL F 149 19.86 -3.57 8.93
N ALA F 150 20.84 -2.67 9.07
CA ALA F 150 21.00 -1.58 8.11
C ALA F 150 21.31 -2.11 6.71
N ASP F 151 22.11 -3.18 6.63
CA ASP F 151 22.36 -3.82 5.35
C ASP F 151 21.08 -4.39 4.76
N ALA F 152 20.28 -5.07 5.60
CA ALA F 152 19.04 -5.68 5.13
C ALA F 152 18.06 -4.63 4.65
N LEU F 153 17.96 -3.50 5.36
CA LEU F 153 17.09 -2.41 4.93
C LEU F 153 17.56 -1.83 3.61
N ALA F 154 18.85 -1.51 3.51
CA ALA F 154 19.38 -0.89 2.28
C ALA F 154 19.22 -1.81 1.09
N GLU F 155 19.41 -3.12 1.28
CA GLU F 155 19.18 -4.05 0.18
C GLU F 155 17.69 -4.16 -0.14
N ARG F 156 16.82 -4.06 0.88
CA ARG F 156 15.39 -4.17 0.64
C ARG F 156 14.88 -3.04 -0.24
N PHE F 157 15.44 -1.85 -0.07
CA PHE F 157 15.06 -0.68 -0.87
C PHE F 157 16.12 -0.41 -1.94
N LYS F 158 16.31 -1.41 -2.80
CA LYS F 158 17.31 -1.31 -3.85
C LYS F 158 17.06 -2.35 -4.95
#